data_7XCK
#
_entry.id   7XCK
#
_cell.length_a   1.00
_cell.length_b   1.00
_cell.length_c   1.00
_cell.angle_alpha   90.00
_cell.angle_beta   90.00
_cell.angle_gamma   90.00
#
_symmetry.space_group_name_H-M   'P 1'
#
loop_
_entity.id
_entity.type
_entity.pdbx_description
1 polymer 'S309 heavy chain'
2 polymer 'S309 light chain'
3 polymer 'Spike protein S1'
4 branched 2-acetamido-2-deoxy-beta-D-glucopyranose-(1-4)-[alpha-L-fucopyranose-(1-6)]2-acetamido-2-deoxy-beta-D-glucopyranose
#
loop_
_entity_poly.entity_id
_entity_poly.type
_entity_poly.pdbx_seq_one_letter_code
_entity_poly.pdbx_strand_id
1 'polypeptide(L)'
;QVQLVQSGAEVKKPGASVKVSCKASGYPFTSYGISWVRQAPGQGLEWMGWISTYNGNTNYAQKFQGRVTMTTDTSTTTGY
MELRRLRSDDTAVYYCARDYTRGAWFGESLIGGFDNWGQGTLVTVSSASTKGPSVFPLAPSSKSTSGGTAALGCLVKDYF
PEPVTVSWNSGALTSGVHTFPAVLQSSGLYSLSSVVTVPSSSLGTQTYICNVNHKPSNTKVDKKVEPKSC
;
A
2 'polypeptide(L)'
;EIVLTQSPGTLSLSPGERATLSCRASQTVSSTSLAWYQQKPGQAPRLLIYGASSRATGIPDRFSGSGSGTDFTLTISRLE
PEDFAVYYCQQHDTSLTFGGGTKVEIKRTVAAPSVFIFPPSDEQLKSGTASVVCLLNNFYPREAKVQWKVDNALQSGNSQ
ESVTEQDSKDSTYSLSSTLTLSKADYEKHKVYACEVTHQGLSSPVTKSFNRGEC
;
B
3 'polypeptide(L)'
;PTESIVRFPNITNLCPFDEVFNATRFASVYAWNRKRISNCVADYSVLYNLAPFFTFKCYGVSPTKLNDLCFTNVYADSFV
IRGDEVRQIAPGQTGNIADYNYKLPDDFTGCVIAWNSNKLDSKVSGNYNYLYRLFRKSNLKPFERDISTEIYQAGNKPCN
GVAGFNCYFPLRSYSFRPTYGVGHQPYRVVVLSFELLHAPATVCGPKKSTNLVKNKCVNFNFNGLKGTGVLTESNKKFLP
FQQFGRDIADTTDAVRDPQTLEILDITPC
;
M
#
# COMPACT_ATOMS: atom_id res chain seq x y z
N GLN A 1 -2.04 -13.04 -12.08
CA GLN A 1 -2.15 -12.33 -10.81
C GLN A 1 -0.90 -11.51 -10.53
N VAL A 2 -1.08 -10.34 -9.92
CA VAL A 2 0.04 -9.50 -9.56
C VAL A 2 0.85 -10.17 -8.46
N GLN A 3 2.17 -10.13 -8.59
CA GLN A 3 3.04 -10.79 -7.63
C GLN A 3 4.28 -9.93 -7.39
N LEU A 4 4.75 -9.93 -6.14
CA LEU A 4 5.98 -9.24 -5.76
C LEU A 4 6.79 -10.17 -4.87
N VAL A 5 8.07 -10.32 -5.18
CA VAL A 5 8.96 -11.22 -4.44
C VAL A 5 10.16 -10.43 -3.94
N GLN A 6 10.47 -10.58 -2.66
CA GLN A 6 11.58 -9.88 -2.02
C GLN A 6 12.71 -10.85 -1.70
N SER A 7 13.87 -10.28 -1.39
CA SER A 7 15.06 -11.06 -1.12
C SER A 7 15.02 -11.62 0.31
N GLY A 8 16.13 -12.22 0.72
CA GLY A 8 16.22 -12.85 2.02
C GLY A 8 16.58 -11.87 3.13
N ALA A 9 16.74 -12.44 4.32
CA ALA A 9 17.00 -11.65 5.53
C ALA A 9 18.47 -11.20 5.57
N GLU A 10 18.72 -10.14 6.34
CA GLU A 10 20.04 -9.56 6.48
C GLU A 10 20.46 -9.54 7.95
N VAL A 11 21.76 -9.69 8.18
CA VAL A 11 22.33 -9.76 9.52
C VAL A 11 23.35 -8.62 9.61
N LYS A 12 23.03 -7.51 8.95
CA LYS A 12 23.94 -6.38 8.85
C LYS A 12 24.38 -5.87 10.24
N LYS A 13 25.48 -5.14 10.23
CA LYS A 13 26.12 -4.59 11.42
C LYS A 13 25.98 -3.07 11.43
N PRO A 14 26.10 -2.44 12.60
CA PRO A 14 25.98 -0.97 12.66
C PRO A 14 27.04 -0.29 11.81
N GLY A 15 26.64 0.80 11.16
CA GLY A 15 27.51 1.54 10.28
C GLY A 15 27.62 1.02 8.88
N ALA A 16 26.91 -0.07 8.55
CA ALA A 16 26.96 -0.65 7.22
C ALA A 16 25.82 -0.08 6.36
N SER A 17 25.62 -0.68 5.19
CA SER A 17 24.53 -0.30 4.29
C SER A 17 23.85 -1.56 3.79
N VAL A 18 22.57 -1.43 3.43
CA VAL A 18 21.75 -2.57 3.07
C VAL A 18 20.97 -2.27 1.80
N LYS A 19 20.91 -3.25 0.89
CA LYS A 19 20.09 -3.21 -0.32
C LYS A 19 18.98 -4.24 -0.18
N VAL A 20 17.74 -3.81 -0.39
CA VAL A 20 16.57 -4.69 -0.42
C VAL A 20 15.98 -4.63 -1.82
N SER A 21 15.69 -5.80 -2.37
CA SER A 21 15.18 -5.92 -3.74
C SER A 21 13.73 -6.35 -3.73
N CYS A 22 13.05 -6.07 -4.83
CA CYS A 22 11.63 -6.37 -4.95
C CYS A 22 11.31 -6.55 -6.43
N LYS A 23 11.07 -7.79 -6.85
CA LYS A 23 10.81 -8.13 -8.24
C LYS A 23 9.30 -8.25 -8.46
N ALA A 24 8.79 -7.54 -9.46
CA ALA A 24 7.37 -7.53 -9.79
C ALA A 24 7.07 -8.46 -10.95
N SER A 25 5.81 -8.92 -11.00
CA SER A 25 5.40 -9.82 -12.06
C SER A 25 3.89 -9.75 -12.23
N GLY A 26 3.44 -9.89 -13.47
CA GLY A 26 2.03 -10.01 -13.77
C GLY A 26 1.28 -8.74 -14.11
N TYR A 27 1.98 -7.67 -14.51
CA TYR A 27 1.32 -6.41 -14.85
C TYR A 27 2.26 -5.49 -15.60
N PRO A 28 1.76 -4.44 -16.28
CA PRO A 28 2.65 -3.47 -16.91
C PRO A 28 3.44 -2.66 -15.89
N PHE A 29 4.77 -2.82 -15.91
CA PHE A 29 5.62 -2.31 -14.85
C PHE A 29 5.55 -0.79 -14.73
N THR A 30 5.56 -0.09 -15.87
CA THR A 30 5.76 1.36 -15.87
C THR A 30 4.47 2.15 -15.62
N SER A 31 3.33 1.49 -15.43
CA SER A 31 2.09 2.19 -15.16
C SER A 31 1.86 2.49 -13.69
N TYR A 32 2.63 1.88 -12.80
CA TYR A 32 2.47 2.08 -11.36
C TYR A 32 3.83 2.36 -10.72
N GLY A 33 3.81 3.14 -9.64
CA GLY A 33 5.00 3.35 -8.86
C GLY A 33 5.26 2.21 -7.90
N ILE A 34 6.26 2.41 -7.04
CA ILE A 34 6.62 1.44 -6.01
C ILE A 34 6.80 2.18 -4.70
N SER A 35 6.18 1.67 -3.64
CA SER A 35 6.28 2.26 -2.32
C SER A 35 7.00 1.30 -1.38
N TRP A 36 7.73 1.87 -0.43
CA TRP A 36 8.47 1.10 0.56
C TRP A 36 8.03 1.54 1.94
N VAL A 37 7.65 0.55 2.77
CA VAL A 37 7.14 0.72 4.12
C VAL A 37 7.93 -0.21 5.03
N ARG A 38 7.84 0.02 6.34
CA ARG A 38 8.52 -0.88 7.27
C ARG A 38 7.76 -0.96 8.59
N GLN A 39 8.00 -2.05 9.31
CA GLN A 39 7.37 -2.33 10.59
C GLN A 39 8.42 -2.86 11.55
N ALA A 40 8.63 -2.15 12.66
CA ALA A 40 9.52 -2.67 13.68
C ALA A 40 8.81 -3.70 14.54
N PRO A 41 9.54 -4.69 15.08
CA PRO A 41 8.90 -5.74 15.88
C PRO A 41 8.16 -5.19 17.10
N GLY A 42 6.83 -5.36 17.11
CA GLY A 42 6.01 -4.86 18.18
C GLY A 42 5.40 -3.49 17.97
N GLN A 43 5.66 -2.85 16.83
CA GLN A 43 5.10 -1.54 16.54
C GLN A 43 4.29 -1.55 15.26
N GLY A 44 3.85 -0.38 14.81
CA GLY A 44 3.00 -0.25 13.64
C GLY A 44 3.77 0.07 12.38
N LEU A 45 3.00 0.31 11.31
CA LEU A 45 3.57 0.57 10.00
C LEU A 45 4.18 1.97 9.93
N GLU A 46 5.13 2.13 9.02
CA GLU A 46 5.86 3.39 8.89
C GLU A 46 6.31 3.56 7.45
N TRP A 47 5.75 4.57 6.78
CA TRP A 47 6.07 4.81 5.38
C TRP A 47 7.51 5.27 5.21
N MET A 48 8.21 4.71 4.23
CA MET A 48 9.57 5.10 3.92
C MET A 48 9.67 5.94 2.64
N GLY A 49 9.05 5.52 1.55
CA GLY A 49 9.14 6.36 0.37
C GLY A 49 8.42 5.79 -0.83
N TRP A 50 8.50 6.56 -1.93
CA TRP A 50 7.84 6.26 -3.19
C TRP A 50 8.80 6.53 -4.34
N ILE A 51 8.74 5.71 -5.39
CA ILE A 51 9.54 5.91 -6.58
C ILE A 51 8.69 5.63 -7.82
N SER A 52 8.83 6.47 -8.83
CA SER A 52 8.14 6.27 -10.10
C SER A 52 8.95 5.35 -11.01
N THR A 53 8.26 4.40 -11.64
CA THR A 53 8.90 3.44 -12.53
C THR A 53 8.97 3.92 -13.97
N TYR A 54 8.48 5.13 -14.26
CA TYR A 54 8.46 5.67 -15.61
C TYR A 54 9.62 6.63 -15.88
N ASN A 55 9.85 7.59 -14.99
CA ASN A 55 10.91 8.57 -15.18
C ASN A 55 11.92 8.60 -14.04
N GLY A 56 11.73 7.80 -12.99
CA GLY A 56 12.67 7.74 -11.90
C GLY A 56 12.51 8.79 -10.83
N ASN A 57 11.44 9.57 -10.86
CA ASN A 57 11.19 10.54 -9.79
C ASN A 57 10.90 9.82 -8.48
N THR A 58 11.44 10.37 -7.39
CA THR A 58 11.27 9.78 -6.07
C THR A 58 10.63 10.77 -5.12
N ASN A 59 10.26 10.26 -3.94
CA ASN A 59 9.65 11.08 -2.90
C ASN A 59 9.87 10.36 -1.57
N TYR A 60 10.69 10.92 -0.70
CA TYR A 60 11.09 10.27 0.53
C TYR A 60 10.42 10.92 1.72
N ALA A 61 10.50 10.23 2.86
CA ALA A 61 10.06 10.78 4.13
C ALA A 61 11.20 11.54 4.79
N GLN A 62 10.87 12.65 5.44
CA GLN A 62 11.90 13.51 6.01
C GLN A 62 12.73 12.80 7.06
N LYS A 63 12.20 11.73 7.68
CA LYS A 63 13.00 10.95 8.61
C LYS A 63 14.14 10.23 7.91
N PHE A 64 13.91 9.75 6.69
CA PHE A 64 14.93 9.09 5.89
C PHE A 64 15.40 9.95 4.72
N GLN A 65 15.39 11.28 4.89
CA GLN A 65 15.66 12.18 3.77
C GLN A 65 17.06 11.99 3.21
N GLY A 66 18.06 11.88 4.09
CA GLY A 66 19.44 11.76 3.68
C GLY A 66 20.04 10.37 3.73
N ARG A 67 19.26 9.34 4.08
CA ARG A 67 19.80 8.01 4.29
C ARG A 67 19.33 6.96 3.29
N VAL A 68 18.16 7.13 2.67
CA VAL A 68 17.57 6.11 1.82
C VAL A 68 17.66 6.56 0.37
N THR A 69 17.73 5.58 -0.53
CA THR A 69 17.67 5.87 -1.96
C THR A 69 17.12 4.65 -2.71
N MET A 70 16.14 4.88 -3.57
CA MET A 70 15.48 3.81 -4.31
C MET A 70 15.77 3.94 -5.81
N THR A 71 15.84 2.79 -6.46
CA THR A 71 16.11 2.72 -7.89
C THR A 71 15.24 1.63 -8.51
N THR A 72 15.10 1.68 -9.83
CA THR A 72 14.30 0.70 -10.56
C THR A 72 15.06 0.22 -11.80
N ASP A 73 14.72 -0.99 -12.24
CA ASP A 73 15.29 -1.58 -13.45
C ASP A 73 14.13 -2.11 -14.28
N THR A 74 13.86 -1.46 -15.42
CA THR A 74 12.71 -1.82 -16.24
C THR A 74 12.94 -3.12 -17.01
N SER A 75 14.21 -3.45 -17.31
CA SER A 75 14.49 -4.67 -18.05
C SER A 75 14.06 -5.90 -17.26
N THR A 76 14.48 -6.00 -16.00
CA THR A 76 14.05 -7.08 -15.14
C THR A 76 12.81 -6.73 -14.32
N THR A 77 12.34 -5.48 -14.40
CA THR A 77 11.21 -4.99 -13.62
C THR A 77 11.42 -5.24 -12.13
N THR A 78 12.49 -4.67 -11.60
CA THR A 78 12.88 -4.91 -10.22
C THR A 78 13.25 -3.59 -9.55
N GLY A 79 12.74 -3.37 -8.35
CA GLY A 79 13.10 -2.21 -7.55
C GLY A 79 14.12 -2.55 -6.50
N TYR A 80 14.92 -1.55 -6.13
CA TYR A 80 15.99 -1.71 -5.17
C TYR A 80 15.97 -0.53 -4.20
N MET A 81 16.41 -0.78 -2.97
CA MET A 81 16.45 0.27 -1.95
C MET A 81 17.73 0.13 -1.13
N GLU A 82 18.50 1.21 -1.06
CA GLU A 82 19.62 1.36 -0.15
C GLU A 82 19.20 2.13 1.10
N LEU A 83 19.60 1.59 2.24
CA LEU A 83 19.57 2.30 3.51
C LEU A 83 20.99 2.31 4.07
N ARG A 84 21.45 3.49 4.51
CA ARG A 84 22.83 3.70 4.89
C ARG A 84 22.94 4.07 6.37
N ARG A 85 24.09 3.77 6.95
CA ARG A 85 24.41 4.08 8.34
C ARG A 85 23.39 3.45 9.28
N LEU A 86 23.35 2.13 9.25
CA LEU A 86 22.35 1.37 9.99
C LEU A 86 22.58 1.50 11.49
N ARG A 87 21.53 1.83 12.23
CA ARG A 87 21.57 1.91 13.67
C ARG A 87 20.81 0.73 14.28
N SER A 88 20.78 0.67 15.61
CA SER A 88 20.05 -0.39 16.28
C SER A 88 18.54 -0.27 16.12
N ASP A 89 18.05 0.90 15.71
CA ASP A 89 16.63 1.13 15.53
C ASP A 89 16.14 0.71 14.14
N ASP A 90 17.02 0.23 13.28
CA ASP A 90 16.66 -0.14 11.91
C ASP A 90 16.36 -1.63 11.77
N THR A 91 16.40 -2.39 12.87
CA THR A 91 15.97 -3.78 12.85
C THR A 91 14.45 -3.82 12.69
N ALA A 92 13.97 -4.37 11.59
CA ALA A 92 12.55 -4.29 11.27
C ALA A 92 12.25 -5.27 10.14
N VAL A 93 11.04 -5.18 9.61
CA VAL A 93 10.63 -5.90 8.40
C VAL A 93 10.20 -4.86 7.37
N TYR A 94 10.75 -4.97 6.16
CA TYR A 94 10.56 -3.98 5.10
C TYR A 94 9.67 -4.58 4.03
N TYR A 95 8.65 -3.82 3.64
CA TYR A 95 7.64 -4.24 2.68
C TYR A 95 7.71 -3.38 1.43
N CYS A 96 7.71 -4.03 0.28
CA CYS A 96 7.58 -3.40 -1.02
C CYS A 96 6.14 -3.55 -1.52
N ALA A 97 5.55 -2.45 -1.96
CA ALA A 97 4.15 -2.45 -2.36
C ALA A 97 3.99 -1.74 -3.70
N ARG A 98 3.02 -2.21 -4.48
CA ARG A 98 2.62 -1.52 -5.69
C ARG A 98 1.75 -0.33 -5.31
N ASP A 99 2.01 0.82 -5.93
CA ASP A 99 1.46 2.08 -5.48
C ASP A 99 0.28 2.51 -6.36
N TYR A 100 -0.76 3.04 -5.71
CA TYR A 100 -1.87 3.69 -6.39
C TYR A 100 -2.25 4.97 -5.65
N THR A 101 -1.25 5.65 -5.08
CA THR A 101 -1.47 6.91 -4.41
C THR A 101 -0.87 8.10 -5.14
N ARG A 102 0.11 7.88 -6.02
CA ARG A 102 0.71 8.95 -6.80
C ARG A 102 0.96 8.44 -8.22
N GLY A 103 0.70 9.29 -9.21
CA GLY A 103 0.82 8.86 -10.58
C GLY A 103 2.27 8.71 -11.01
N ALA A 104 2.51 7.72 -11.88
CA ALA A 104 3.86 7.46 -12.35
C ALA A 104 4.33 8.49 -13.37
N TRP A 105 3.43 8.93 -14.25
CA TRP A 105 3.82 9.85 -15.31
C TRP A 105 3.83 11.30 -14.83
N PHE A 106 2.72 11.77 -14.28
CA PHE A 106 2.55 13.18 -13.94
C PHE A 106 2.77 13.48 -12.47
N GLY A 107 2.84 12.46 -11.61
CA GLY A 107 3.19 12.68 -10.22
C GLY A 107 2.12 13.30 -9.35
N GLU A 108 0.85 13.18 -9.72
CA GLU A 108 -0.25 13.70 -8.92
C GLU A 108 -0.86 12.60 -8.08
N SER A 109 -1.72 13.00 -7.14
CA SER A 109 -2.34 12.07 -6.20
C SER A 109 -3.54 11.37 -6.84
N LEU A 110 -3.67 10.08 -6.57
CA LEU A 110 -4.76 9.25 -7.08
C LEU A 110 -5.68 8.84 -5.95
N ILE A 111 -6.75 8.14 -6.31
CA ILE A 111 -7.71 7.59 -5.36
C ILE A 111 -7.43 6.10 -5.24
N GLY A 112 -6.76 5.71 -4.16
CA GLY A 112 -6.39 4.32 -3.98
C GLY A 112 -5.42 4.16 -2.82
N GLY A 113 -4.64 3.11 -2.88
CA GLY A 113 -3.66 2.83 -1.86
C GLY A 113 -2.70 1.75 -2.31
N PHE A 114 -1.88 1.29 -1.37
CA PHE A 114 -0.97 0.19 -1.62
C PHE A 114 -1.79 -1.09 -1.78
N ASP A 115 -2.03 -1.50 -3.02
CA ASP A 115 -2.98 -2.56 -3.33
C ASP A 115 -2.33 -3.92 -3.58
N ASN A 116 -1.00 -4.01 -3.47
CA ASN A 116 -0.31 -5.28 -3.66
C ASN A 116 0.99 -5.22 -2.87
N TRP A 117 1.16 -6.12 -1.90
CA TRP A 117 2.31 -6.10 -1.02
C TRP A 117 3.20 -7.31 -1.27
N GLY A 118 4.48 -7.16 -0.92
CA GLY A 118 5.42 -8.26 -0.97
C GLY A 118 5.43 -9.05 0.32
N GLN A 119 6.29 -10.08 0.34
CA GLN A 119 6.36 -10.96 1.50
C GLN A 119 7.04 -10.32 2.70
N GLY A 120 7.89 -9.31 2.49
CA GLY A 120 8.60 -8.68 3.59
C GLY A 120 9.99 -9.23 3.80
N THR A 121 10.93 -8.36 4.14
CA THR A 121 12.33 -8.75 4.35
C THR A 121 12.76 -8.30 5.74
N LEU A 122 13.24 -9.24 6.54
CA LEU A 122 13.64 -8.95 7.92
C LEU A 122 15.10 -8.54 7.95
N VAL A 123 15.38 -7.35 8.49
CA VAL A 123 16.73 -6.83 8.62
C VAL A 123 17.03 -6.69 10.11
N THR A 124 18.09 -7.35 10.56
CA THR A 124 18.55 -7.32 11.94
C THR A 124 19.89 -6.60 12.01
N VAL A 125 19.98 -5.60 12.86
CA VAL A 125 21.19 -4.79 13.00
C VAL A 125 21.68 -4.95 14.44
N SER A 126 22.81 -5.60 14.61
CA SER A 126 23.40 -5.79 15.94
C SER A 126 24.87 -6.15 15.79
N SER A 127 25.70 -5.64 16.70
CA SER A 127 27.13 -5.94 16.70
C SER A 127 27.42 -7.18 17.53
N ALA A 128 26.85 -8.31 17.09
CA ALA A 128 27.00 -9.58 17.78
C ALA A 128 27.32 -10.66 16.76
N SER A 129 27.98 -11.71 17.24
CA SER A 129 28.36 -12.85 16.41
C SER A 129 27.39 -14.01 16.63
N THR A 130 27.37 -14.92 15.65
CA THR A 130 26.49 -16.07 15.73
C THR A 130 26.92 -16.99 16.88
N LYS A 131 25.99 -17.30 17.77
CA LYS A 131 26.25 -18.14 18.92
C LYS A 131 25.17 -19.21 19.03
N GLY A 132 25.58 -20.44 19.31
CA GLY A 132 24.65 -21.53 19.48
C GLY A 132 23.84 -21.41 20.75
N PRO A 133 22.64 -21.99 20.76
CA PRO A 133 21.81 -21.93 21.96
C PRO A 133 22.38 -22.78 23.09
N SER A 134 22.02 -22.39 24.31
CA SER A 134 22.34 -23.15 25.52
C SER A 134 21.02 -23.67 26.08
N VAL A 135 20.97 -24.97 26.37
CA VAL A 135 19.72 -25.62 26.72
C VAL A 135 19.79 -26.11 28.16
N PHE A 136 18.76 -25.80 28.93
CA PHE A 136 18.60 -26.22 30.31
C PHE A 136 17.21 -26.80 30.52
N PRO A 137 17.04 -27.68 31.50
CA PRO A 137 15.70 -28.20 31.80
C PRO A 137 14.98 -27.32 32.82
N LEU A 138 13.68 -27.58 32.96
CA LEU A 138 12.92 -27.14 34.14
C LEU A 138 11.81 -28.15 34.35
N ALA A 139 11.96 -28.99 35.38
CA ALA A 139 11.20 -30.18 35.69
C ALA A 139 10.12 -29.88 36.72
N PRO A 140 9.07 -30.73 36.79
CA PRO A 140 7.99 -30.48 37.77
C PRO A 140 8.47 -30.67 39.20
N SER A 141 7.69 -30.17 40.16
CA SER A 141 8.04 -30.28 41.57
C SER A 141 7.75 -31.70 42.07
N SER A 142 8.11 -31.95 43.33
CA SER A 142 7.92 -33.27 43.92
C SER A 142 6.43 -33.61 44.02
N LYS A 143 5.61 -32.64 44.43
CA LYS A 143 4.18 -32.86 44.56
C LYS A 143 3.51 -32.98 43.20
N THR A 149 -2.92 -31.19 36.54
CA THR A 149 -1.88 -31.82 35.73
C THR A 149 -0.51 -31.23 36.07
N ALA A 150 0.56 -31.90 35.62
CA ALA A 150 1.89 -31.40 35.88
C ALA A 150 2.42 -30.62 34.68
N ALA A 151 3.44 -29.81 34.91
CA ALA A 151 4.02 -28.98 33.87
C ALA A 151 5.54 -29.07 33.93
N LEU A 152 6.17 -28.99 32.77
CA LEU A 152 7.64 -29.01 32.68
C LEU A 152 8.04 -28.33 31.37
N GLY A 153 9.33 -28.35 31.07
CA GLY A 153 9.77 -27.83 29.79
C GLY A 153 11.27 -27.65 29.75
N CYS A 154 11.72 -26.93 28.71
CA CYS A 154 13.13 -26.63 28.54
C CYS A 154 13.34 -25.19 28.11
N LEU A 155 14.47 -24.63 28.55
CA LEU A 155 14.86 -23.25 28.33
C LEU A 155 16.03 -23.21 27.36
N VAL A 156 15.91 -22.41 26.30
CA VAL A 156 17.01 -22.17 25.37
C VAL A 156 17.38 -20.70 25.51
N LYS A 157 18.67 -20.44 25.78
CA LYS A 157 19.12 -19.11 26.15
C LYS A 157 20.48 -18.82 25.50
N ASP A 158 20.75 -17.53 25.32
CA ASP A 158 22.01 -17.04 24.78
C ASP A 158 22.28 -17.60 23.38
N TYR A 159 21.41 -17.23 22.45
CA TYR A 159 21.55 -17.63 21.06
C TYR A 159 21.37 -16.42 20.15
N PHE A 160 21.96 -16.52 18.96
CA PHE A 160 21.88 -15.48 17.95
C PHE A 160 22.23 -16.10 16.59
N PRO A 161 21.53 -15.74 15.51
CA PRO A 161 20.42 -14.78 15.45
C PRO A 161 19.07 -15.35 15.91
N GLU A 162 18.00 -14.68 15.50
CA GLU A 162 16.64 -14.90 15.98
C GLU A 162 16.09 -16.31 15.76
N PRO A 163 16.16 -16.89 14.53
CA PRO A 163 15.40 -18.12 14.28
C PRO A 163 15.91 -19.35 15.00
N VAL A 164 15.10 -19.91 15.88
CA VAL A 164 15.33 -21.21 16.51
C VAL A 164 14.01 -21.96 16.55
N THR A 165 14.04 -23.24 16.18
CA THR A 165 12.85 -24.07 16.19
C THR A 165 12.90 -25.06 17.35
N VAL A 166 11.73 -25.42 17.86
CA VAL A 166 11.61 -26.31 19.00
C VAL A 166 10.51 -27.32 18.71
N SER A 167 10.72 -28.56 19.15
CA SER A 167 9.72 -29.61 19.03
C SER A 167 9.84 -30.54 20.23
N TRP A 168 8.76 -31.26 20.53
CA TRP A 168 8.72 -32.20 21.65
C TRP A 168 8.53 -33.60 21.08
N ASN A 169 9.62 -34.37 21.08
CA ASN A 169 9.62 -35.74 20.53
C ASN A 169 9.18 -35.75 19.07
N SER A 170 9.61 -34.73 18.32
CA SER A 170 9.33 -34.61 16.89
C SER A 170 7.83 -34.68 16.60
N GLY A 171 7.08 -33.83 17.31
CA GLY A 171 5.65 -33.74 17.09
C GLY A 171 4.82 -34.79 17.78
N ALA A 172 5.43 -35.67 18.58
CA ALA A 172 4.67 -36.67 19.31
C ALA A 172 3.74 -36.03 20.34
N LEU A 173 4.21 -34.96 20.98
CA LEU A 173 3.46 -34.26 22.02
C LEU A 173 3.05 -32.85 21.57
N THR A 174 2.60 -32.70 20.33
CA THR A 174 2.28 -31.38 19.79
C THR A 174 1.17 -30.70 20.60
N SER A 175 0.12 -31.44 20.93
CA SER A 175 -1.01 -30.88 21.65
C SER A 175 -0.63 -30.67 23.12
N GLY A 176 -0.44 -29.41 23.50
CA GLY A 176 -0.06 -29.09 24.87
C GLY A 176 1.26 -28.35 24.97
N VAL A 177 1.72 -27.81 23.85
CA VAL A 177 3.01 -27.12 23.78
C VAL A 177 2.76 -25.62 23.78
N HIS A 178 3.49 -24.91 24.64
CA HIS A 178 3.50 -23.44 24.66
C HIS A 178 4.93 -22.99 24.46
N THR A 179 5.20 -22.38 23.31
CA THR A 179 6.50 -21.80 23.00
C THR A 179 6.36 -20.29 22.98
N PHE A 180 7.01 -19.63 23.92
CA PHE A 180 6.89 -18.18 24.07
C PHE A 180 7.79 -17.46 23.07
N PRO A 181 7.41 -16.25 22.67
CA PRO A 181 8.26 -15.50 21.74
C PRO A 181 9.60 -15.16 22.38
N ALA A 182 10.62 -15.06 21.52
CA ALA A 182 11.97 -14.76 21.98
C ALA A 182 12.06 -13.33 22.50
N VAL A 183 12.91 -13.14 23.50
CA VAL A 183 13.15 -11.82 24.08
C VAL A 183 14.62 -11.48 23.93
N LEU A 184 14.89 -10.21 23.63
CA LEU A 184 16.24 -9.71 23.41
C LEU A 184 16.78 -9.18 24.74
N GLN A 185 17.82 -9.82 25.25
CA GLN A 185 18.43 -9.38 26.50
C GLN A 185 19.39 -8.21 26.24
N SER A 186 19.89 -7.63 27.33
CA SER A 186 20.87 -6.55 27.23
C SER A 186 22.22 -7.04 26.72
N SER A 187 22.44 -8.35 26.66
CA SER A 187 23.68 -8.91 26.13
C SER A 187 23.67 -9.06 24.62
N GLY A 188 22.58 -8.67 23.96
CA GLY A 188 22.47 -8.85 22.52
C GLY A 188 22.07 -10.23 22.09
N LEU A 189 21.66 -11.08 23.03
CA LEU A 189 21.30 -12.46 22.75
C LEU A 189 19.83 -12.69 23.10
N TYR A 190 19.25 -13.74 22.51
CA TYR A 190 17.84 -14.04 22.67
C TYR A 190 17.63 -15.18 23.67
N SER A 191 16.43 -15.22 24.25
CA SER A 191 16.05 -16.26 25.19
C SER A 191 14.64 -16.72 24.87
N LEU A 192 14.34 -17.96 25.24
CA LEU A 192 13.06 -18.57 24.91
C LEU A 192 12.81 -19.77 25.83
N SER A 193 11.54 -20.01 26.12
CA SER A 193 11.13 -21.14 26.94
C SER A 193 10.09 -21.95 26.19
N SER A 194 10.12 -23.27 26.40
CA SER A 194 9.10 -24.17 25.86
C SER A 194 8.54 -24.98 27.01
N VAL A 195 7.21 -25.01 27.12
CA VAL A 195 6.54 -25.63 28.26
C VAL A 195 5.49 -26.61 27.75
N VAL A 196 5.42 -27.76 28.41
CA VAL A 196 4.42 -28.78 28.12
C VAL A 196 3.70 -29.14 29.41
N THR A 197 2.45 -29.57 29.26
CA THR A 197 1.63 -30.05 30.37
C THR A 197 1.37 -31.54 30.16
N VAL A 198 1.66 -32.33 31.18
CA VAL A 198 1.60 -33.79 31.09
C VAL A 198 0.78 -34.32 32.25
N PRO A 199 0.24 -35.54 32.12
CA PRO A 199 -0.51 -36.14 33.22
C PRO A 199 0.34 -36.24 34.49
N SER A 200 -0.33 -36.09 35.64
CA SER A 200 0.37 -36.04 36.92
C SER A 200 1.02 -37.37 37.30
N SER A 201 0.68 -38.46 36.60
CA SER A 201 1.24 -39.76 36.90
C SER A 201 2.26 -40.25 35.88
N SER A 202 2.40 -39.55 34.76
CA SER A 202 3.34 -39.93 33.70
C SER A 202 4.72 -39.32 33.90
N LEU A 203 4.95 -38.65 35.04
CA LEU A 203 6.24 -38.00 35.28
C LEU A 203 7.37 -39.02 35.37
N GLY A 204 7.12 -40.16 35.98
CA GLY A 204 8.15 -41.15 36.18
C GLY A 204 8.11 -42.30 35.20
N THR A 205 7.19 -42.27 34.25
CA THR A 205 7.04 -43.33 33.26
C THR A 205 7.38 -42.87 31.85
N GLN A 206 6.72 -41.81 31.37
CA GLN A 206 6.94 -41.35 30.01
C GLN A 206 8.28 -40.62 29.89
N THR A 207 8.80 -40.62 28.67
CA THR A 207 10.00 -39.87 28.33
C THR A 207 9.60 -38.53 27.73
N TYR A 208 10.34 -37.48 28.06
CA TYR A 208 10.03 -36.12 27.63
C TYR A 208 11.32 -35.46 27.15
N ILE A 209 11.62 -35.61 25.85
CA ILE A 209 12.76 -34.95 25.25
C ILE A 209 12.26 -33.80 24.40
N CYS A 210 13.05 -32.74 24.34
CA CYS A 210 12.80 -31.64 23.42
C CYS A 210 13.98 -31.47 22.48
N ASN A 211 13.66 -31.28 21.21
CA ASN A 211 14.64 -31.09 20.15
C ASN A 211 14.63 -29.61 19.77
N VAL A 212 15.78 -28.95 19.87
CA VAL A 212 15.90 -27.55 19.52
C VAL A 212 16.95 -27.40 18.43
N ASN A 213 16.61 -26.65 17.39
CA ASN A 213 17.39 -26.54 16.17
C ASN A 213 17.68 -25.07 15.89
N HIS A 214 18.96 -24.77 15.69
CA HIS A 214 19.42 -23.45 15.27
C HIS A 214 20.19 -23.61 13.97
N LYS A 215 19.66 -23.00 12.90
CA LYS A 215 20.21 -23.16 11.56
C LYS A 215 21.53 -22.40 11.35
N PRO A 216 21.62 -21.11 11.68
CA PRO A 216 22.88 -20.39 11.41
C PRO A 216 24.07 -20.92 12.20
N SER A 217 23.85 -21.68 13.27
CA SER A 217 24.94 -22.34 13.98
C SER A 217 24.99 -23.84 13.75
N ASN A 218 24.02 -24.41 13.02
CA ASN A 218 23.97 -25.84 12.71
C ASN A 218 23.98 -26.68 13.99
N THR A 219 22.94 -26.48 14.81
CA THR A 219 22.77 -27.22 16.05
C THR A 219 21.41 -27.90 16.03
N LYS A 220 21.38 -29.20 16.34
CA LYS A 220 20.18 -30.02 16.30
C LYS A 220 20.03 -30.80 17.61
N VAL A 221 20.13 -30.09 18.74
CA VAL A 221 20.43 -30.78 19.98
C VAL A 221 19.14 -31.24 20.66
N ASP A 222 19.18 -32.47 21.19
CA ASP A 222 18.07 -33.11 21.89
C ASP A 222 18.40 -33.14 23.38
N LYS A 223 17.41 -32.91 24.23
CA LYS A 223 17.66 -32.99 25.66
C LYS A 223 16.42 -33.49 26.39
N LYS A 224 16.63 -34.40 27.34
CA LYS A 224 15.55 -35.02 28.08
C LYS A 224 15.36 -34.34 29.44
N VAL A 225 14.11 -34.22 29.86
CA VAL A 225 13.76 -33.65 31.16
C VAL A 225 13.11 -34.74 32.00
N GLU A 226 13.65 -34.97 33.19
CA GLU A 226 13.17 -36.02 34.08
C GLU A 226 13.00 -35.42 35.48
N PRO A 227 12.10 -36.00 36.28
CA PRO A 227 11.88 -35.48 37.63
C PRO A 227 13.10 -35.68 38.52
N LYS A 228 13.24 -34.79 39.49
CA LYS A 228 14.33 -34.85 40.45
C LYS A 228 13.83 -34.53 41.85
N GLU B 1 2.92 17.36 10.67
CA GLU B 1 2.00 16.92 9.63
C GLU B 1 0.73 16.33 10.24
N ILE B 2 -0.14 15.80 9.39
CA ILE B 2 -1.41 15.24 9.86
C ILE B 2 -1.14 13.99 10.70
N VAL B 3 -1.82 13.92 11.85
CA VAL B 3 -1.68 12.80 12.79
C VAL B 3 -3.03 12.11 12.90
N LEU B 4 -3.04 10.80 12.67
CA LEU B 4 -4.26 10.01 12.79
C LEU B 4 -4.23 9.21 14.08
N THR B 5 -5.33 9.24 14.83
CA THR B 5 -5.46 8.53 16.09
C THR B 5 -6.56 7.49 15.96
N GLN B 6 -6.24 6.25 16.33
CA GLN B 6 -7.18 5.15 16.23
C GLN B 6 -7.74 4.84 17.61
N SER B 7 -9.07 4.74 17.71
CA SER B 7 -9.70 4.47 18.99
C SER B 7 -10.73 3.36 18.80
N PRO B 8 -10.79 2.41 19.74
CA PRO B 8 -9.85 2.32 20.85
C PRO B 8 -8.61 1.50 20.48
N GLY B 9 -7.83 1.12 21.47
CA GLY B 9 -6.66 0.29 21.23
C GLY B 9 -6.93 -1.18 21.06
N THR B 10 -8.01 -1.70 21.64
CA THR B 10 -8.33 -3.11 21.56
C THR B 10 -9.85 -3.28 21.63
N LEU B 11 -10.39 -4.16 20.79
CA LEU B 11 -11.80 -4.52 20.79
C LEU B 11 -11.94 -5.98 21.17
N SER B 12 -12.74 -6.27 22.19
CA SER B 12 -12.98 -7.63 22.65
C SER B 12 -14.44 -7.97 22.36
N LEU B 13 -14.65 -8.73 21.29
CA LEU B 13 -16.01 -9.10 20.88
C LEU B 13 -16.13 -10.61 20.73
N SER B 14 -17.24 -11.06 20.16
CA SER B 14 -17.51 -12.48 19.97
C SER B 14 -17.73 -12.78 18.49
N PRO B 15 -17.51 -14.03 18.06
CA PRO B 15 -17.62 -14.35 16.63
C PRO B 15 -19.05 -14.29 16.12
N GLY B 16 -19.51 -13.08 15.76
CA GLY B 16 -20.85 -12.91 15.25
C GLY B 16 -21.51 -11.58 15.58
N GLU B 17 -20.87 -10.76 16.42
CA GLU B 17 -21.39 -9.42 16.70
C GLU B 17 -20.97 -8.46 15.59
N ARG B 18 -21.17 -7.17 15.83
CA ARG B 18 -20.86 -6.11 14.88
C ARG B 18 -19.77 -5.23 15.46
N ALA B 19 -18.78 -4.88 14.63
CA ALA B 19 -17.62 -4.11 15.08
C ALA B 19 -17.57 -2.77 14.38
N THR B 20 -17.17 -1.75 15.13
CA THR B 20 -17.02 -0.39 14.60
C THR B 20 -15.70 0.17 15.09
N LEU B 21 -14.84 0.58 14.15
CA LEU B 21 -13.53 1.13 14.45
C LEU B 21 -13.47 2.59 13.99
N SER B 22 -12.83 3.43 14.80
CA SER B 22 -12.83 4.88 14.58
C SER B 22 -11.41 5.40 14.37
N CYS B 23 -11.25 6.18 13.31
CA CYS B 23 -10.01 6.90 13.03
C CYS B 23 -10.31 8.40 13.07
N ARG B 24 -9.48 9.15 13.77
CA ARG B 24 -9.68 10.58 14.00
C ARG B 24 -8.49 11.33 13.40
N ALA B 25 -8.78 12.33 12.59
CA ALA B 25 -7.74 13.11 11.93
C ALA B 25 -7.50 14.43 12.66
N SER B 26 -6.23 14.80 12.75
CA SER B 26 -5.85 16.07 13.38
C SER B 26 -6.43 17.25 12.61
N GLN B 27 -6.01 17.42 11.36
CA GLN B 27 -6.57 18.44 10.49
C GLN B 27 -7.69 17.86 9.64
N THR B 28 -8.16 18.61 8.65
CA THR B 28 -9.17 18.13 7.73
C THR B 28 -8.51 17.31 6.62
N VAL B 29 -9.05 16.13 6.36
CA VAL B 29 -8.53 15.24 5.33
C VAL B 29 -9.65 14.98 4.33
N SER B 30 -9.35 15.14 3.05
CA SER B 30 -10.33 14.87 2.00
C SER B 30 -10.72 13.39 2.01
N SER B 31 -11.98 13.12 1.70
CA SER B 31 -12.48 11.76 1.72
C SER B 31 -11.89 10.90 0.61
N THR B 32 -11.37 11.51 -0.45
CA THR B 32 -10.75 10.77 -1.53
C THR B 32 -9.37 10.21 -1.16
N SER B 33 -8.82 10.60 -0.01
CA SER B 33 -7.44 10.31 0.32
C SER B 33 -7.30 9.54 1.63
N LEU B 34 -8.21 8.61 1.90
CA LEU B 34 -8.13 7.79 3.11
C LEU B 34 -8.43 6.33 2.77
N ALA B 35 -7.69 5.43 3.43
CA ALA B 35 -7.78 4.01 3.15
C ALA B 35 -7.64 3.21 4.45
N TRP B 36 -8.04 1.95 4.39
CA TRP B 36 -7.99 1.02 5.51
C TRP B 36 -7.25 -0.24 5.10
N TYR B 37 -6.48 -0.80 6.03
CA TYR B 37 -5.71 -2.02 5.80
C TYR B 37 -5.92 -2.99 6.96
N GLN B 38 -5.83 -4.27 6.63
CA GLN B 38 -5.92 -5.35 7.60
C GLN B 38 -4.65 -6.19 7.57
N GLN B 39 -4.17 -6.56 8.75
CA GLN B 39 -2.97 -7.38 8.87
C GLN B 39 -3.23 -8.48 9.88
N LYS B 40 -3.10 -9.73 9.44
CA LYS B 40 -3.20 -10.93 10.26
C LYS B 40 -1.85 -11.26 10.88
N PRO B 41 -1.83 -12.02 11.98
CA PRO B 41 -0.56 -12.33 12.64
C PRO B 41 0.35 -13.14 11.73
N GLY B 42 1.57 -12.61 11.50
CA GLY B 42 2.56 -13.28 10.69
C GLY B 42 2.41 -13.12 9.20
N GLN B 43 1.58 -12.20 8.74
CA GLN B 43 1.36 -11.98 7.31
C GLN B 43 1.60 -10.50 6.98
N ALA B 44 1.54 -10.20 5.69
CA ALA B 44 1.66 -8.85 5.17
C ALA B 44 0.31 -8.16 5.16
N PRO B 45 0.28 -6.83 5.23
CA PRO B 45 -1.00 -6.12 5.16
C PRO B 45 -1.71 -6.27 3.83
N ARG B 46 -2.95 -5.80 3.75
CA ARG B 46 -3.72 -5.86 2.52
C ARG B 46 -4.75 -4.74 2.54
N LEU B 47 -5.15 -4.28 1.36
CA LEU B 47 -6.08 -3.17 1.24
C LEU B 47 -7.51 -3.64 1.39
N LEU B 48 -8.28 -2.93 2.24
CA LEU B 48 -9.70 -3.21 2.43
C LEU B 48 -10.59 -2.15 1.78
N ILE B 49 -10.38 -0.89 2.12
CA ILE B 49 -11.23 0.22 1.70
C ILE B 49 -10.35 1.35 1.20
N TYR B 50 -10.73 1.97 0.09
CA TYR B 50 -10.06 3.16 -0.40
C TYR B 50 -11.12 4.21 -0.75
N GLY B 51 -10.71 5.47 -0.66
CA GLY B 51 -11.66 6.56 -0.84
C GLY B 51 -12.66 6.69 0.28
N ALA B 52 -12.45 5.99 1.40
CA ALA B 52 -13.26 6.03 2.61
C ALA B 52 -14.62 5.37 2.41
N SER B 53 -14.96 5.02 1.19
CA SER B 53 -16.20 4.32 0.91
C SER B 53 -16.02 3.10 0.02
N SER B 54 -15.13 3.16 -0.96
CA SER B 54 -15.03 2.10 -1.94
C SER B 54 -14.34 0.87 -1.35
N ARG B 55 -14.68 -0.29 -1.90
CA ARG B 55 -14.15 -1.57 -1.42
C ARG B 55 -13.13 -2.11 -2.41
N ALA B 56 -12.05 -2.66 -1.89
CA ALA B 56 -10.99 -3.19 -2.72
C ALA B 56 -11.47 -4.45 -3.44
N THR B 57 -10.67 -4.93 -4.38
CA THR B 57 -11.02 -6.09 -5.18
C THR B 57 -10.92 -7.36 -4.35
N GLY B 58 -11.95 -8.20 -4.41
CA GLY B 58 -11.95 -9.46 -3.70
C GLY B 58 -12.22 -9.38 -2.21
N ILE B 59 -12.81 -8.30 -1.75
CA ILE B 59 -13.08 -8.09 -0.32
C ILE B 59 -14.55 -8.45 -0.06
N PRO B 60 -14.85 -9.31 0.91
CA PRO B 60 -16.25 -9.65 1.19
C PRO B 60 -17.06 -8.43 1.56
N ASP B 61 -18.35 -8.48 1.23
CA ASP B 61 -19.27 -7.36 1.34
C ASP B 61 -19.45 -6.88 2.78
N ARG B 62 -19.12 -7.70 3.78
CA ARG B 62 -19.39 -7.35 5.17
C ARG B 62 -18.56 -6.18 5.68
N PHE B 63 -17.55 -5.74 4.94
CA PHE B 63 -16.75 -4.59 5.31
C PHE B 63 -17.34 -3.34 4.68
N SER B 64 -17.48 -2.27 5.47
CA SER B 64 -17.96 -1.02 4.91
C SER B 64 -17.22 0.13 5.56
N GLY B 65 -17.03 1.22 4.82
CA GLY B 65 -16.39 2.40 5.35
C GLY B 65 -17.26 3.64 5.20
N SER B 66 -17.07 4.61 6.09
CA SER B 66 -17.83 5.85 6.03
C SER B 66 -17.08 6.92 6.82
N GLY B 67 -17.64 8.12 6.84
CA GLY B 67 -17.08 9.23 7.57
C GLY B 67 -16.61 10.34 6.65
N SER B 68 -16.22 11.44 7.27
CA SER B 68 -15.77 12.61 6.52
C SER B 68 -15.04 13.58 7.45
N GLY B 69 -14.31 14.49 6.82
CA GLY B 69 -13.82 15.70 7.45
C GLY B 69 -12.71 15.48 8.46
N THR B 70 -13.08 14.93 9.63
CA THR B 70 -12.11 14.63 10.67
C THR B 70 -12.42 13.33 11.40
N ASP B 71 -13.46 12.59 10.98
CA ASP B 71 -13.82 11.36 11.67
C ASP B 71 -14.22 10.32 10.63
N PHE B 72 -13.59 9.14 10.69
CA PHE B 72 -13.87 8.07 9.75
C PHE B 72 -14.12 6.78 10.53
N THR B 73 -14.93 5.91 9.94
CA THR B 73 -15.42 4.73 10.64
C THR B 73 -15.41 3.54 9.71
N LEU B 74 -14.90 2.41 10.20
CA LEU B 74 -14.93 1.13 9.49
C LEU B 74 -15.83 0.18 10.25
N THR B 75 -16.82 -0.38 9.57
CA THR B 75 -17.81 -1.25 10.20
C THR B 75 -17.77 -2.64 9.58
N ILE B 76 -17.82 -3.64 10.45
CA ILE B 76 -17.96 -5.05 10.06
C ILE B 76 -19.28 -5.54 10.64
N SER B 77 -20.20 -5.92 9.76
CA SER B 77 -21.56 -6.26 10.19
C SER B 77 -21.57 -7.52 11.07
N ARG B 78 -20.88 -8.56 10.63
CA ARG B 78 -20.81 -9.81 11.38
C ARG B 78 -19.37 -10.31 11.39
N LEU B 79 -18.95 -10.86 12.52
CA LEU B 79 -17.54 -11.18 12.76
C LEU B 79 -17.33 -12.68 12.56
N GLU B 80 -16.38 -13.02 11.71
CA GLU B 80 -15.99 -14.41 11.48
C GLU B 80 -14.69 -14.70 12.22
N PRO B 81 -14.30 -15.98 12.32
CA PRO B 81 -13.00 -16.29 12.95
C PRO B 81 -11.81 -15.69 12.22
N GLU B 82 -11.93 -15.40 10.93
CA GLU B 82 -10.81 -14.86 10.17
C GLU B 82 -10.72 -13.34 10.21
N ASP B 83 -11.68 -12.66 10.81
CA ASP B 83 -11.70 -11.21 10.86
C ASP B 83 -10.97 -10.64 12.07
N PHE B 84 -10.34 -11.50 12.88
CA PHE B 84 -9.61 -11.04 14.06
C PHE B 84 -8.18 -10.72 13.64
N ALA B 85 -7.85 -9.44 13.57
CA ALA B 85 -6.59 -8.97 13.02
C ALA B 85 -6.36 -7.55 13.52
N VAL B 86 -5.39 -6.86 12.92
CA VAL B 86 -5.07 -5.48 13.25
C VAL B 86 -5.43 -4.60 12.06
N TYR B 87 -6.05 -3.46 12.34
CA TYR B 87 -6.55 -2.58 11.30
C TYR B 87 -5.87 -1.22 11.38
N TYR B 88 -5.51 -0.68 10.21
CA TYR B 88 -4.77 0.57 10.10
C TYR B 88 -5.51 1.52 9.18
N CYS B 89 -5.55 2.80 9.55
CA CYS B 89 -6.05 3.84 8.65
C CYS B 89 -4.87 4.64 8.11
N GLN B 90 -4.96 4.99 6.83
CA GLN B 90 -3.93 5.77 6.14
C GLN B 90 -4.58 6.96 5.47
N GLN B 91 -3.89 8.10 5.52
CA GLN B 91 -4.24 9.27 4.73
C GLN B 91 -3.06 9.65 3.84
N HIS B 92 -3.36 10.18 2.66
CA HIS B 92 -2.33 10.75 1.80
C HIS B 92 -2.79 12.09 1.23
N ASP B 93 -3.54 12.85 2.02
CA ASP B 93 -3.96 14.19 1.66
C ASP B 93 -2.83 15.20 1.79
N THR B 94 -1.97 15.06 2.82
CA THR B 94 -0.80 15.89 3.03
C THR B 94 0.32 14.95 3.49
N SER B 95 1.29 14.72 2.61
CA SER B 95 2.30 13.68 2.79
C SER B 95 1.62 12.33 2.85
N LEU B 96 2.16 11.41 3.64
CA LEU B 96 1.55 10.09 3.81
C LEU B 96 1.91 9.59 5.20
N THR B 97 0.90 9.27 6.01
CA THR B 97 1.10 8.78 7.36
C THR B 97 0.10 7.69 7.68
N PHE B 98 0.43 6.89 8.70
CA PHE B 98 -0.38 5.75 9.11
C PHE B 98 -1.00 6.01 10.48
N GLY B 99 -1.99 5.18 10.82
CA GLY B 99 -2.59 5.21 12.13
C GLY B 99 -1.84 4.35 13.13
N GLY B 100 -2.34 4.36 14.36
CA GLY B 100 -1.71 3.61 15.44
C GLY B 100 -1.93 2.11 15.37
N GLY B 101 -3.15 1.70 15.03
CA GLY B 101 -3.49 0.28 15.01
C GLY B 101 -4.56 -0.07 16.02
N THR B 102 -5.42 -1.03 15.69
CA THR B 102 -6.49 -1.46 16.57
C THR B 102 -6.67 -2.97 16.42
N LYS B 103 -6.34 -3.72 17.47
CA LYS B 103 -6.49 -5.16 17.44
C LYS B 103 -7.89 -5.57 17.91
N VAL B 104 -8.48 -6.53 17.22
CA VAL B 104 -9.80 -7.07 17.56
C VAL B 104 -9.61 -8.53 17.92
N GLU B 105 -9.96 -8.89 19.15
CA GLU B 105 -9.80 -10.24 19.65
C GLU B 105 -11.16 -10.82 20.05
N ILE B 106 -11.12 -12.01 20.65
CA ILE B 106 -12.33 -12.72 21.06
C ILE B 106 -12.59 -12.49 22.54
N LYS B 107 -13.83 -12.17 22.88
CA LYS B 107 -14.25 -11.99 24.26
C LYS B 107 -15.00 -13.24 24.70
N ARG B 108 -14.54 -13.85 25.81
CA ARG B 108 -15.07 -15.10 26.29
C ARG B 108 -15.28 -15.02 27.80
N THR B 109 -15.68 -16.14 28.39
CA THR B 109 -15.86 -16.22 29.83
C THR B 109 -14.53 -16.07 30.56
N VAL B 110 -14.57 -15.45 31.74
CA VAL B 110 -13.37 -15.21 32.52
C VAL B 110 -12.81 -16.53 33.03
N ALA B 111 -11.51 -16.72 32.86
CA ALA B 111 -10.79 -17.89 33.35
C ALA B 111 -9.75 -17.46 34.38
N ALA B 112 -8.98 -18.44 34.87
CA ALA B 112 -7.99 -18.18 35.90
C ALA B 112 -6.67 -18.86 35.55
N PRO B 113 -5.54 -18.25 35.93
CA PRO B 113 -4.23 -18.85 35.62
C PRO B 113 -3.89 -20.05 36.48
N SER B 114 -2.70 -20.60 36.28
CA SER B 114 -2.23 -21.80 36.97
C SER B 114 -0.78 -21.59 37.44
N VAL B 115 -0.55 -20.49 38.15
CA VAL B 115 0.78 -20.01 38.50
C VAL B 115 1.68 -21.11 39.06
N PHE B 116 2.84 -21.30 38.44
CA PHE B 116 3.86 -22.25 38.88
C PHE B 116 5.19 -21.52 39.10
N ILE B 117 6.21 -22.28 39.46
CA ILE B 117 7.55 -21.74 39.67
C ILE B 117 8.55 -22.88 39.53
N PHE B 118 9.76 -22.56 39.11
CA PHE B 118 10.80 -23.55 38.88
C PHE B 118 12.12 -23.08 39.47
N PRO B 119 12.80 -23.96 40.22
CA PRO B 119 14.16 -23.64 40.67
C PRO B 119 15.15 -23.75 39.53
N PRO B 120 16.32 -23.12 39.65
CA PRO B 120 17.34 -23.26 38.60
C PRO B 120 17.87 -24.69 38.52
N SER B 121 18.25 -25.09 37.32
CA SER B 121 18.80 -26.43 37.13
C SER B 121 20.25 -26.47 37.59
N ASP B 122 20.72 -27.70 37.86
CA ASP B 122 22.09 -27.88 38.35
C ASP B 122 23.13 -27.53 37.32
N GLU B 123 22.77 -27.51 36.03
CA GLU B 123 23.73 -27.17 34.99
C GLU B 123 24.05 -25.68 34.94
N GLN B 124 23.20 -24.82 35.50
CA GLN B 124 23.47 -23.40 35.59
C GLN B 124 24.28 -23.02 36.82
N LEU B 125 24.41 -23.91 37.80
CA LEU B 125 25.08 -23.61 39.06
C LEU B 125 26.59 -23.48 38.91
N LYS B 126 27.16 -23.90 37.78
CA LYS B 126 28.60 -23.78 37.55
C LYS B 126 28.93 -22.78 36.45
N SER B 127 27.92 -22.14 35.86
CA SER B 127 28.14 -21.15 34.81
C SER B 127 28.16 -19.72 35.36
N GLY B 128 28.02 -19.55 36.67
CA GLY B 128 28.09 -18.24 37.28
C GLY B 128 26.80 -17.44 37.27
N THR B 129 25.71 -18.00 36.76
CA THR B 129 24.45 -17.28 36.70
C THR B 129 23.30 -18.28 36.81
N ALA B 130 22.14 -17.77 37.20
CA ALA B 130 20.96 -18.60 37.38
C ALA B 130 19.73 -17.81 36.95
N SER B 131 18.63 -18.53 36.75
CA SER B 131 17.37 -17.92 36.36
C SER B 131 16.22 -18.73 36.95
N VAL B 132 15.17 -18.01 37.33
CA VAL B 132 13.96 -18.62 37.87
C VAL B 132 12.76 -18.11 37.06
N VAL B 133 11.88 -19.03 36.67
CA VAL B 133 10.78 -18.72 35.77
C VAL B 133 9.46 -18.96 36.50
N CYS B 134 8.64 -17.92 36.55
CA CYS B 134 7.26 -18.02 37.03
C CYS B 134 6.34 -18.14 35.82
N LEU B 135 5.40 -19.08 35.89
CA LEU B 135 4.55 -19.40 34.76
C LEU B 135 3.11 -19.06 35.08
N LEU B 136 2.34 -18.72 34.04
CA LEU B 136 0.91 -18.46 34.15
C LEU B 136 0.25 -19.16 32.97
N ASN B 137 -0.43 -20.26 33.24
CA ASN B 137 -1.06 -21.06 32.19
C ASN B 137 -2.35 -20.38 31.74
N ASN B 138 -3.17 -21.12 31.00
CA ASN B 138 -4.36 -20.59 30.33
C ASN B 138 -5.21 -19.71 31.24
N PHE B 139 -5.34 -18.43 30.90
CA PHE B 139 -6.13 -17.49 31.66
C PHE B 139 -6.85 -16.55 30.70
N TYR B 140 -7.73 -15.71 31.26
CA TYR B 140 -8.45 -14.68 30.52
C TYR B 140 -9.13 -13.74 31.51
N PRO B 141 -9.08 -12.41 31.32
CA PRO B 141 -8.43 -11.70 30.22
C PRO B 141 -6.91 -11.60 30.34
N ARG B 142 -6.28 -10.95 29.36
CA ARG B 142 -4.83 -10.96 29.24
C ARG B 142 -4.15 -10.26 30.41
N GLU B 143 -4.68 -9.11 30.83
CA GLU B 143 -3.99 -8.23 31.78
C GLU B 143 -3.86 -8.90 33.13
N ALA B 144 -2.64 -9.30 33.48
CA ALA B 144 -2.33 -9.89 34.78
C ALA B 144 -1.10 -9.18 35.35
N LYS B 145 -1.09 -8.98 36.67
CA LYS B 145 -0.03 -8.23 37.34
C LYS B 145 0.81 -9.19 38.18
N VAL B 146 2.10 -9.30 37.84
CA VAL B 146 2.99 -10.27 38.45
C VAL B 146 4.21 -9.55 39.02
N GLN B 147 4.62 -9.97 40.22
CA GLN B 147 5.83 -9.49 40.85
C GLN B 147 6.64 -10.65 41.43
N TRP B 148 7.94 -10.40 41.57
CA TRP B 148 8.85 -11.32 42.23
C TRP B 148 9.21 -10.78 43.61
N LYS B 149 9.48 -11.70 44.54
CA LYS B 149 9.86 -11.33 45.90
C LYS B 149 10.95 -12.26 46.39
N VAL B 150 12.03 -11.69 46.94
CA VAL B 150 12.97 -12.47 47.73
C VAL B 150 12.49 -12.39 49.17
N ASP B 151 11.40 -13.11 49.44
CA ASP B 151 10.83 -13.48 50.73
C ASP B 151 10.42 -12.29 51.59
N ASN B 152 10.86 -11.07 51.25
CA ASN B 152 10.35 -9.90 51.96
C ASN B 152 10.28 -8.64 51.11
N ALA B 153 10.78 -8.68 49.88
CA ALA B 153 11.08 -7.45 49.14
C ALA B 153 10.67 -7.56 47.68
N LEU B 154 10.17 -6.46 47.13
CA LEU B 154 9.79 -6.38 45.73
C LEU B 154 10.99 -5.93 44.90
N GLN B 155 11.31 -6.69 43.87
CA GLN B 155 12.38 -6.32 42.95
C GLN B 155 11.81 -5.74 41.67
N SER B 156 12.69 -5.13 40.87
CA SER B 156 12.29 -4.56 39.59
C SER B 156 13.51 -4.47 38.69
N GLY B 157 13.26 -4.35 37.40
CA GLY B 157 14.30 -4.20 36.39
C GLY B 157 14.93 -5.50 35.91
N ASN B 158 15.25 -6.40 36.83
CA ASN B 158 15.89 -7.67 36.46
C ASN B 158 14.84 -8.77 36.32
N SER B 159 13.87 -8.52 35.43
CA SER B 159 12.82 -9.49 35.15
C SER B 159 12.14 -9.08 33.85
N GLN B 160 11.93 -10.04 32.96
CA GLN B 160 11.31 -9.77 31.67
C GLN B 160 10.27 -10.85 31.39
N GLU B 161 9.22 -10.48 30.65
CA GLU B 161 8.04 -11.31 30.47
C GLU B 161 7.77 -11.58 29.00
N SER B 162 7.20 -12.75 28.73
CA SER B 162 6.79 -13.17 27.40
C SER B 162 5.33 -13.59 27.46
N VAL B 163 4.54 -13.07 26.52
CA VAL B 163 3.11 -13.39 26.42
C VAL B 163 2.85 -14.01 25.06
N THR B 164 2.18 -15.15 25.05
CA THR B 164 1.86 -15.83 23.80
C THR B 164 0.72 -15.10 23.09
N GLU B 165 0.33 -15.61 21.93
CA GLU B 165 -0.85 -15.14 21.22
C GLU B 165 -2.08 -15.84 21.78
N GLN B 166 -3.25 -15.30 21.45
CA GLN B 166 -4.50 -15.89 21.92
C GLN B 166 -4.66 -17.29 21.34
N ASP B 167 -5.00 -18.25 22.20
CA ASP B 167 -5.03 -19.65 21.80
C ASP B 167 -6.09 -19.89 20.74
N SER B 168 -5.83 -20.87 19.86
CA SER B 168 -6.73 -21.11 18.74
C SER B 168 -8.04 -21.72 19.20
N LYS B 169 -8.01 -22.63 20.16
CA LYS B 169 -9.21 -23.39 20.51
C LYS B 169 -10.03 -22.69 21.59
N ASP B 170 -9.44 -22.38 22.74
CA ASP B 170 -10.17 -21.79 23.83
C ASP B 170 -9.94 -20.28 23.98
N SER B 171 -9.12 -19.68 23.12
CA SER B 171 -8.91 -18.23 23.10
C SER B 171 -8.40 -17.70 24.44
N THR B 172 -7.32 -18.31 24.92
CA THR B 172 -6.74 -17.97 26.21
C THR B 172 -5.27 -17.63 26.05
N TYR B 173 -4.72 -16.88 27.00
CA TYR B 173 -3.33 -16.46 26.94
C TYR B 173 -2.48 -17.27 27.93
N SER B 174 -1.17 -17.18 27.74
CA SER B 174 -0.21 -17.78 28.65
C SER B 174 0.97 -16.84 28.80
N LEU B 175 1.52 -16.75 30.00
CA LEU B 175 2.56 -15.77 30.31
C LEU B 175 3.72 -16.45 31.03
N SER B 176 4.91 -15.90 30.82
CA SER B 176 6.10 -16.37 31.52
C SER B 176 6.92 -15.18 31.94
N SER B 177 7.44 -15.22 33.17
CA SER B 177 8.29 -14.15 33.69
C SER B 177 9.59 -14.76 34.18
N THR B 178 10.72 -14.26 33.68
CA THR B 178 12.02 -14.82 34.00
C THR B 178 12.84 -13.80 34.78
N LEU B 179 13.29 -14.20 35.97
CA LEU B 179 14.18 -13.40 36.78
C LEU B 179 15.56 -14.06 36.73
N THR B 180 16.50 -13.37 36.09
CA THR B 180 17.86 -13.88 35.93
C THR B 180 18.83 -13.06 36.76
N LEU B 181 19.78 -13.74 37.40
CA LEU B 181 20.74 -13.08 38.27
C LEU B 181 21.83 -14.08 38.60
N SER B 182 23.03 -13.58 38.87
CA SER B 182 24.18 -14.43 39.11
C SER B 182 24.00 -15.27 40.37
N LYS B 183 24.74 -16.37 40.45
CA LYS B 183 24.62 -17.28 41.58
C LYS B 183 25.12 -16.67 42.89
N ALA B 184 25.85 -15.56 42.82
CA ALA B 184 26.37 -14.90 44.01
C ALA B 184 25.25 -14.54 44.97
N ASP B 185 24.33 -13.66 44.54
CA ASP B 185 23.20 -13.30 45.40
C ASP B 185 22.18 -14.44 45.46
N TYR B 186 22.21 -15.36 44.51
CA TYR B 186 21.31 -16.51 44.56
C TYR B 186 21.62 -17.37 45.78
N GLU B 187 22.90 -17.57 46.09
CA GLU B 187 23.27 -18.31 47.28
C GLU B 187 23.00 -17.52 48.57
N LYS B 188 22.84 -16.20 48.47
CA LYS B 188 22.58 -15.38 49.64
C LYS B 188 21.20 -15.64 50.25
N HIS B 189 20.28 -16.24 49.51
CA HIS B 189 18.93 -16.50 49.98
C HIS B 189 18.55 -17.93 49.63
N LYS B 190 17.41 -18.38 50.16
CA LYS B 190 17.00 -19.77 50.00
C LYS B 190 15.61 -19.88 49.40
N VAL B 191 14.75 -18.92 49.68
CA VAL B 191 13.33 -18.98 49.30
C VAL B 191 12.98 -17.77 48.45
N TYR B 192 12.16 -18.00 47.42
CA TYR B 192 11.67 -16.95 46.53
C TYR B 192 10.17 -17.10 46.36
N ALA B 193 9.52 -16.04 45.89
CA ALA B 193 8.07 -16.05 45.78
C ALA B 193 7.63 -15.29 44.53
N CYS B 194 6.57 -15.78 43.91
CA CYS B 194 5.93 -15.15 42.77
C CYS B 194 4.51 -14.77 43.17
N GLU B 195 4.17 -13.49 43.02
CA GLU B 195 2.86 -12.97 43.41
C GLU B 195 2.11 -12.54 42.15
N VAL B 196 0.91 -13.08 41.98
CA VAL B 196 0.11 -12.88 40.78
C VAL B 196 -1.27 -12.37 41.17
N THR B 197 -1.72 -11.30 40.50
CA THR B 197 -3.06 -10.76 40.65
C THR B 197 -3.72 -10.73 39.28
N HIS B 198 -4.98 -11.17 39.23
CA HIS B 198 -5.71 -11.22 37.97
C HIS B 198 -7.18 -11.03 38.25
N GLN B 199 -7.91 -10.50 37.26
CA GLN B 199 -9.33 -10.24 37.42
C GLN B 199 -10.12 -11.51 37.70
N GLY B 200 -9.65 -12.65 37.19
CA GLY B 200 -10.34 -13.90 37.44
C GLY B 200 -10.32 -14.36 38.88
N LEU B 201 -9.17 -14.23 39.54
CA LEU B 201 -9.05 -14.67 40.93
C LEU B 201 -9.80 -13.73 41.86
N SER B 202 -10.25 -14.29 42.98
CA SER B 202 -10.91 -13.53 44.03
C SER B 202 -9.93 -12.99 45.07
N SER B 203 -8.65 -13.36 44.97
CA SER B 203 -7.63 -12.90 45.90
C SER B 203 -6.25 -13.10 45.26
N PRO B 204 -5.33 -12.14 45.44
CA PRO B 204 -3.99 -12.29 44.85
C PRO B 204 -3.28 -13.53 45.38
N VAL B 205 -2.77 -14.34 44.47
CA VAL B 205 -2.11 -15.59 44.83
C VAL B 205 -0.62 -15.34 44.98
N THR B 206 0.03 -16.12 45.86
CA THR B 206 1.46 -16.03 46.07
C THR B 206 2.00 -17.45 46.22
N LYS B 207 2.88 -17.85 45.31
CA LYS B 207 3.50 -19.18 45.35
C LYS B 207 4.98 -19.04 45.64
N SER B 208 5.44 -19.73 46.67
CA SER B 208 6.83 -19.65 47.11
C SER B 208 7.51 -21.00 46.95
N PHE B 209 8.83 -20.96 46.84
CA PHE B 209 9.64 -22.17 46.78
C PHE B 209 10.98 -21.92 47.45
N ASN B 210 11.44 -22.90 48.22
CA ASN B 210 12.74 -22.85 48.87
C ASN B 210 13.73 -23.75 48.15
N ARG B 211 15.00 -23.64 48.54
CA ARG B 211 16.03 -24.50 47.99
C ARG B 211 15.95 -25.88 48.63
N GLY B 212 15.99 -26.92 47.80
CA GLY B 212 15.94 -28.29 48.30
C GLY B 212 15.25 -29.24 47.34
N PRO C 1 -5.25 -9.87 -54.12
CA PRO C 1 -4.42 -9.84 -52.91
C PRO C 1 -4.19 -11.22 -52.33
N THR C 2 -3.07 -11.41 -51.64
CA THR C 2 -2.72 -12.70 -51.06
C THR C 2 -2.65 -12.68 -49.55
N GLU C 3 -1.90 -11.74 -48.98
CA GLU C 3 -1.62 -11.70 -47.55
C GLU C 3 -2.05 -10.35 -46.96
N SER C 4 -2.24 -10.35 -45.64
CA SER C 4 -2.53 -9.13 -44.89
C SER C 4 -1.31 -8.78 -44.05
N ILE C 5 -0.86 -7.53 -44.15
CA ILE C 5 0.36 -7.07 -43.51
C ILE C 5 0.03 -5.85 -42.66
N VAL C 6 0.50 -5.86 -41.41
CA VAL C 6 0.30 -4.76 -40.47
C VAL C 6 1.67 -4.28 -39.99
N ARG C 7 1.91 -2.97 -40.09
CA ARG C 7 3.17 -2.37 -39.65
C ARG C 7 2.85 -1.21 -38.72
N PHE C 8 3.23 -1.35 -37.46
CA PHE C 8 3.04 -0.35 -36.41
C PHE C 8 4.36 -0.12 -35.69
N PRO C 9 4.54 1.04 -35.06
CA PRO C 9 5.78 1.28 -34.31
C PRO C 9 5.89 0.36 -33.10
N ASN C 10 7.13 0.08 -32.72
CA ASN C 10 7.42 -0.81 -31.60
C ASN C 10 7.53 0.02 -30.32
N ILE C 11 6.39 0.16 -29.65
CA ILE C 11 6.30 0.87 -28.37
C ILE C 11 5.52 0.01 -27.40
N THR C 12 5.96 0.03 -26.14
CA THR C 12 5.45 -0.89 -25.13
C THR C 12 4.68 -0.22 -24.00
N ASN C 13 5.15 0.91 -23.49
CA ASN C 13 4.50 1.63 -22.39
C ASN C 13 3.04 1.88 -22.75
N LEU C 14 2.12 1.81 -21.79
CA LEU C 14 0.70 2.08 -21.96
C LEU C 14 0.38 3.52 -21.60
N CYS C 15 -0.71 4.03 -22.16
CA CYS C 15 -1.06 5.42 -21.92
C CYS C 15 -1.68 5.60 -20.54
N PRO C 16 -1.42 6.72 -19.87
CA PRO C 16 -1.89 6.92 -18.49
C PRO C 16 -3.28 7.55 -18.40
N PHE C 17 -4.30 6.78 -18.81
CA PHE C 17 -5.68 7.25 -18.66
C PHE C 17 -6.19 7.13 -17.24
N ASP C 18 -5.62 6.24 -16.44
CA ASP C 18 -6.00 6.12 -15.03
C ASP C 18 -5.55 7.32 -14.21
N GLU C 19 -4.50 8.03 -14.64
CA GLU C 19 -4.05 9.21 -13.93
C GLU C 19 -4.87 10.44 -14.26
N VAL C 20 -5.65 10.41 -15.33
CA VAL C 20 -6.46 11.55 -15.72
C VAL C 20 -7.86 11.46 -15.12
N PHE C 21 -8.46 10.28 -15.12
CA PHE C 21 -9.85 10.10 -14.71
C PHE C 21 -10.00 9.87 -13.21
N ASN C 22 -8.97 9.25 -12.63
CA ASN C 22 -8.94 8.85 -11.19
C ASN C 22 -8.02 9.74 -10.39
N ALA C 23 -7.79 10.92 -10.88
CA ALA C 23 -6.99 11.90 -10.17
C ALA C 23 -7.84 12.41 -9.06
N THR C 24 -7.24 12.46 -7.93
CA THR C 24 -7.88 13.00 -6.73
C THR C 24 -8.42 14.42 -6.92
N ARG C 25 -7.62 15.33 -7.47
CA ARG C 25 -8.02 16.72 -7.64
C ARG C 25 -8.23 17.06 -9.11
N PHE C 26 -9.24 17.88 -9.37
CA PHE C 26 -9.49 18.47 -10.68
C PHE C 26 -9.36 19.98 -10.61
N ALA C 27 -9.15 20.59 -11.77
CA ALA C 27 -8.92 22.02 -11.85
C ALA C 27 -10.22 22.78 -12.08
N SER C 28 -10.12 24.10 -12.02
CA SER C 28 -11.26 24.97 -12.30
C SER C 28 -11.46 25.09 -13.81
N VAL C 29 -12.54 25.76 -14.20
CA VAL C 29 -12.84 25.88 -15.63
C VAL C 29 -12.13 27.07 -16.27
N TYR C 30 -11.86 28.13 -15.51
CA TYR C 30 -11.10 29.25 -16.04
C TYR C 30 -9.60 28.99 -16.06
N ALA C 31 -9.14 27.98 -15.35
CA ALA C 31 -7.75 27.56 -15.32
C ALA C 31 -7.63 26.06 -15.58
N TRP C 32 -8.35 25.58 -16.58
CA TRP C 32 -8.45 24.15 -16.88
C TRP C 32 -7.08 23.52 -17.07
N ASN C 33 -6.95 22.23 -16.79
CA ASN C 33 -5.66 21.57 -16.86
C ASN C 33 -5.52 20.83 -18.18
N ARG C 34 -4.31 20.84 -18.73
CA ARG C 34 -4.03 20.17 -20.00
C ARG C 34 -2.81 19.27 -19.85
N LYS C 35 -2.96 18.02 -20.27
CA LYS C 35 -1.90 17.02 -20.23
C LYS C 35 -1.64 16.47 -21.61
N ARG C 36 -0.38 16.14 -21.87
CA ARG C 36 0.08 15.65 -23.16
C ARG C 36 0.36 14.16 -23.08
N ILE C 37 -0.17 13.40 -24.03
CA ILE C 37 -0.02 11.95 -24.09
C ILE C 37 0.65 11.60 -25.41
N SER C 38 1.77 10.89 -25.33
CA SER C 38 2.52 10.48 -26.51
C SER C 38 3.40 9.28 -26.17
N ASN C 39 3.74 8.51 -27.20
CA ASN C 39 4.67 7.38 -27.10
C ASN C 39 4.12 6.27 -26.22
N CYS C 40 2.85 5.90 -26.44
CA CYS C 40 2.23 4.87 -25.62
C CYS C 40 1.14 4.17 -26.42
N VAL C 41 0.73 3.00 -25.92
CA VAL C 41 -0.36 2.22 -26.50
C VAL C 41 -1.66 2.64 -25.82
N ALA C 42 -2.65 3.01 -26.62
CA ALA C 42 -3.88 3.61 -26.13
C ALA C 42 -5.04 2.62 -26.31
N ASP C 43 -5.35 1.89 -25.24
CA ASP C 43 -6.49 0.98 -25.23
C ASP C 43 -7.68 1.76 -24.65
N TYR C 44 -8.71 1.95 -25.45
CA TYR C 44 -9.87 2.75 -25.05
C TYR C 44 -10.99 1.91 -24.47
N SER C 45 -10.79 0.60 -24.29
CA SER C 45 -11.86 -0.25 -23.76
C SER C 45 -12.16 0.10 -22.30
N VAL C 46 -11.16 0.58 -21.57
CA VAL C 46 -11.33 0.91 -20.15
C VAL C 46 -12.26 2.10 -20.01
N LEU C 47 -12.46 2.85 -21.10
CA LEU C 47 -13.39 3.96 -21.10
C LEU C 47 -14.80 3.57 -21.55
N TYR C 48 -14.98 2.35 -22.07
CA TYR C 48 -16.30 1.81 -22.36
C TYR C 48 -16.85 0.97 -21.21
N ASN C 49 -15.97 0.32 -20.45
CA ASN C 49 -16.42 -0.56 -19.36
C ASN C 49 -16.96 0.21 -18.18
N LEU C 50 -16.77 1.54 -18.15
CA LEU C 50 -17.28 2.35 -17.06
C LEU C 50 -18.80 2.32 -17.04
N ALA C 51 -19.36 2.54 -15.84
CA ALA C 51 -20.79 2.39 -15.63
C ALA C 51 -21.56 3.39 -16.50
N PRO C 52 -22.81 3.07 -16.85
CA PRO C 52 -23.56 3.93 -17.77
C PRO C 52 -24.07 5.20 -17.10
N PHE C 53 -23.21 5.86 -16.33
CA PHE C 53 -23.44 7.22 -15.88
C PHE C 53 -22.31 8.14 -16.31
N PHE C 54 -21.32 7.62 -17.03
CA PHE C 54 -20.31 8.44 -17.70
C PHE C 54 -20.86 8.85 -19.07
N THR C 55 -21.24 10.12 -19.20
CA THR C 55 -21.67 10.62 -20.50
C THR C 55 -20.47 10.69 -21.44
N PHE C 56 -20.62 10.08 -22.61
CA PHE C 56 -19.54 9.91 -23.58
C PHE C 56 -20.04 10.34 -24.94
N LYS C 57 -19.52 11.45 -25.46
CA LYS C 57 -19.97 11.95 -26.76
C LYS C 57 -18.76 12.41 -27.55
N CYS C 58 -18.54 11.83 -28.71
CA CYS C 58 -17.32 12.11 -29.45
C CYS C 58 -17.66 12.56 -30.87
N TYR C 59 -16.83 13.46 -31.40
CA TYR C 59 -17.10 14.18 -32.64
C TYR C 59 -15.99 13.89 -33.63
N GLY C 60 -16.36 13.63 -34.88
CA GLY C 60 -15.40 13.42 -35.95
C GLY C 60 -14.90 12.01 -36.09
N VAL C 61 -15.30 11.10 -35.21
CA VAL C 61 -14.89 9.70 -35.28
C VAL C 61 -15.83 8.90 -34.40
N SER C 62 -16.03 7.63 -34.73
CA SER C 62 -16.91 6.87 -33.86
C SER C 62 -16.11 6.22 -32.74
N PRO C 63 -16.73 6.03 -31.56
CA PRO C 63 -16.00 5.39 -30.45
C PRO C 63 -15.53 3.97 -30.75
N THR C 64 -16.24 3.22 -31.57
CA THR C 64 -15.86 1.84 -31.88
C THR C 64 -14.59 1.74 -32.70
N LYS C 65 -14.28 2.73 -33.55
CA LYS C 65 -13.17 2.67 -34.47
C LYS C 65 -11.87 3.24 -33.88
N LEU C 66 -11.89 3.62 -32.60
CA LEU C 66 -10.75 4.28 -31.99
C LEU C 66 -9.54 3.37 -31.82
N ASN C 67 -9.74 2.05 -31.80
CA ASN C 67 -8.64 1.12 -31.51
C ASN C 67 -7.80 0.78 -32.73
N ASP C 68 -8.15 1.29 -33.91
CA ASP C 68 -7.40 1.02 -35.13
C ASP C 68 -6.89 2.32 -35.77
N LEU C 69 -6.65 3.34 -34.97
CA LEU C 69 -6.22 4.65 -35.46
C LEU C 69 -4.96 5.08 -34.72
N CYS C 70 -3.96 5.51 -35.48
CA CYS C 70 -2.75 6.09 -34.91
C CYS C 70 -2.90 7.61 -34.83
N PHE C 71 -2.22 8.21 -33.86
CA PHE C 71 -2.28 9.64 -33.67
C PHE C 71 -0.87 10.18 -33.42
N THR C 72 -0.67 11.45 -33.76
CA THR C 72 0.58 12.12 -33.43
C THR C 72 0.65 12.44 -31.94
N ASN C 73 -0.44 12.98 -31.39
CA ASN C 73 -0.47 13.36 -29.98
C ASN C 73 -1.90 13.26 -29.47
N VAL C 74 -2.03 13.14 -28.14
CA VAL C 74 -3.31 13.25 -27.47
C VAL C 74 -3.21 14.33 -26.42
N TYR C 75 -4.26 15.14 -26.29
CA TYR C 75 -4.32 16.16 -25.25
C TYR C 75 -5.56 15.93 -24.41
N ALA C 76 -5.39 15.98 -23.09
CA ALA C 76 -6.48 15.76 -22.15
C ALA C 76 -6.68 17.03 -21.33
N ASP C 77 -7.87 17.63 -21.45
CA ASP C 77 -8.21 18.84 -20.72
C ASP C 77 -9.24 18.49 -19.65
N SER C 78 -8.88 18.72 -18.40
CA SER C 78 -9.70 18.33 -17.26
C SER C 78 -10.13 19.56 -16.48
N PHE C 79 -11.41 19.56 -16.09
CA PHE C 79 -11.92 20.61 -15.20
C PHE C 79 -13.22 20.12 -14.56
N VAL C 80 -13.83 21.00 -13.77
CA VAL C 80 -15.10 20.75 -13.10
C VAL C 80 -16.03 21.91 -13.43
N ILE C 81 -17.26 21.59 -13.85
CA ILE C 81 -18.28 22.60 -14.13
C ILE C 81 -19.56 22.23 -13.39
N ARG C 82 -20.58 23.05 -13.58
CA ARG C 82 -21.88 22.81 -12.97
C ARG C 82 -22.63 21.78 -13.81
N GLY C 83 -23.74 21.26 -13.28
CA GLY C 83 -24.46 20.17 -13.92
C GLY C 83 -25.04 20.48 -15.28
N ASP C 84 -25.62 21.66 -15.43
CA ASP C 84 -26.35 22.02 -16.65
C ASP C 84 -25.49 22.78 -17.66
N GLU C 85 -24.20 22.98 -17.37
CA GLU C 85 -23.29 23.57 -18.33
C GLU C 85 -22.52 22.57 -19.15
N VAL C 86 -22.78 21.27 -18.98
CA VAL C 86 -22.15 20.27 -19.83
C VAL C 86 -22.66 20.38 -21.25
N ARG C 87 -23.83 20.98 -21.44
CA ARG C 87 -24.35 21.23 -22.78
C ARG C 87 -23.45 22.17 -23.58
N GLN C 88 -22.74 23.08 -22.90
CA GLN C 88 -21.93 24.08 -23.56
C GLN C 88 -20.56 23.57 -24.01
N ILE C 89 -20.16 22.38 -23.59
CA ILE C 89 -18.87 21.81 -24.02
C ILE C 89 -19.16 21.01 -25.29
N ALA C 90 -19.21 21.74 -26.41
CA ALA C 90 -19.52 21.15 -27.72
C ALA C 90 -19.12 22.14 -28.79
N PRO C 91 -18.67 21.67 -29.95
CA PRO C 91 -18.32 22.61 -31.03
C PRO C 91 -19.52 23.42 -31.48
N GLY C 92 -19.28 24.69 -31.81
CA GLY C 92 -20.34 25.56 -32.25
C GLY C 92 -21.38 25.87 -31.19
N GLN C 93 -20.96 26.07 -29.94
CA GLN C 93 -21.87 26.35 -28.84
C GLN C 93 -21.44 27.63 -28.14
N THR C 94 -22.40 28.28 -27.50
CA THR C 94 -22.17 29.54 -26.80
C THR C 94 -22.72 29.41 -25.38
N GLY C 95 -22.58 30.49 -24.60
CA GLY C 95 -22.97 30.53 -23.22
C GLY C 95 -21.88 31.19 -22.40
N ASN C 96 -22.06 31.23 -21.08
CA ASN C 96 -21.08 31.87 -20.22
C ASN C 96 -19.79 31.07 -20.11
N ILE C 97 -19.91 29.74 -20.04
CA ILE C 97 -18.71 28.90 -19.97
C ILE C 97 -17.98 28.90 -21.31
N ALA C 98 -18.72 28.78 -22.41
CA ALA C 98 -18.09 28.64 -23.72
C ALA C 98 -17.42 29.94 -24.18
N ASP C 99 -18.03 31.08 -23.91
CA ASP C 99 -17.48 32.34 -24.40
C ASP C 99 -16.27 32.80 -23.60
N TYR C 100 -16.27 32.58 -22.28
CA TYR C 100 -15.29 33.21 -21.40
C TYR C 100 -14.33 32.23 -20.72
N ASN C 101 -14.61 30.94 -20.74
CA ASN C 101 -13.78 29.98 -20.01
C ASN C 101 -13.12 28.94 -20.91
N TYR C 102 -13.89 28.24 -21.73
CA TYR C 102 -13.35 27.13 -22.51
C TYR C 102 -14.08 27.07 -23.84
N LYS C 103 -13.34 27.17 -24.95
CA LYS C 103 -13.91 27.18 -26.29
C LYS C 103 -13.37 26.00 -27.09
N LEU C 104 -14.24 25.36 -27.86
CA LEU C 104 -13.91 24.26 -28.74
C LEU C 104 -14.02 24.69 -30.19
N PRO C 105 -13.05 24.32 -31.04
CA PRO C 105 -13.13 24.66 -32.46
C PRO C 105 -14.17 23.83 -33.20
N ASP C 106 -14.63 24.36 -34.33
CA ASP C 106 -15.62 23.65 -35.13
C ASP C 106 -15.06 22.34 -35.67
N ASP C 107 -13.83 22.34 -36.15
CA ASP C 107 -13.15 21.11 -36.59
C ASP C 107 -12.41 20.47 -35.42
N PHE C 108 -13.20 19.99 -34.46
CA PHE C 108 -12.66 19.55 -33.18
C PHE C 108 -12.09 18.13 -33.26
N THR C 109 -12.85 17.21 -33.86
CA THR C 109 -12.47 15.79 -34.02
C THR C 109 -11.89 15.23 -32.72
N GLY C 110 -12.72 15.23 -31.68
CA GLY C 110 -12.30 14.76 -30.38
C GLY C 110 -13.50 14.36 -29.55
N CYS C 111 -13.22 13.78 -28.40
CA CYS C 111 -14.26 13.16 -27.57
C CYS C 111 -14.40 13.93 -26.26
N VAL C 112 -15.61 13.89 -25.69
CA VAL C 112 -15.93 14.57 -24.43
C VAL C 112 -16.54 13.56 -23.48
N ILE C 113 -16.04 13.52 -22.25
CA ILE C 113 -16.50 12.60 -21.23
C ILE C 113 -16.83 13.41 -19.98
N ALA C 114 -18.00 13.17 -19.40
CA ALA C 114 -18.42 13.87 -18.19
C ALA C 114 -19.02 12.87 -17.22
N TRP C 115 -18.88 13.17 -15.93
CA TRP C 115 -19.53 12.31 -14.94
C TRP C 115 -19.82 13.10 -13.67
N ASN C 116 -20.89 12.70 -12.99
CA ASN C 116 -21.30 13.33 -11.75
C ASN C 116 -20.26 13.08 -10.66
N SER C 117 -19.86 14.15 -9.98
CA SER C 117 -18.86 14.08 -8.92
C SER C 117 -19.38 14.75 -7.65
N ASN C 118 -20.67 14.55 -7.35
CA ASN C 118 -21.26 15.17 -6.17
C ASN C 118 -20.70 14.57 -4.88
N LYS C 119 -20.31 13.30 -4.90
CA LYS C 119 -19.80 12.65 -3.70
C LYS C 119 -18.40 13.13 -3.32
N LEU C 120 -17.70 13.82 -4.22
CA LEU C 120 -16.33 14.25 -3.97
C LEU C 120 -16.19 15.76 -3.86
N ASP C 121 -16.75 16.51 -4.81
CA ASP C 121 -16.49 17.93 -4.93
C ASP C 121 -17.49 18.81 -4.20
N SER C 122 -18.44 18.23 -3.46
CA SER C 122 -19.42 19.00 -2.71
C SER C 122 -19.15 18.90 -1.22
N LYS C 123 -19.52 19.97 -0.51
CA LYS C 123 -19.39 20.02 0.94
C LYS C 123 -20.68 20.52 1.54
N VAL C 124 -20.97 20.06 2.76
CA VAL C 124 -22.22 20.42 3.42
C VAL C 124 -22.26 21.91 3.76
N SER C 125 -21.15 22.45 4.24
CA SER C 125 -21.08 23.86 4.64
C SER C 125 -20.78 24.78 3.45
N GLY C 126 -20.62 24.23 2.25
CA GLY C 126 -20.34 25.05 1.09
C GLY C 126 -18.93 24.87 0.58
N ASN C 127 -18.79 24.55 -0.71
CA ASN C 127 -17.48 24.33 -1.34
C ASN C 127 -17.27 25.43 -2.35
N TYR C 128 -16.60 26.51 -1.92
CA TYR C 128 -16.28 27.65 -2.78
C TYR C 128 -14.92 27.50 -3.46
N ASN C 129 -14.42 26.28 -3.58
CA ASN C 129 -13.08 26.05 -4.10
C ASN C 129 -13.00 26.09 -5.62
N TYR C 130 -14.14 26.06 -6.32
CA TYR C 130 -14.16 26.05 -7.77
C TYR C 130 -14.73 27.38 -8.27
N LEU C 131 -14.06 27.99 -9.24
CA LEU C 131 -14.41 29.30 -9.73
C LEU C 131 -14.67 29.25 -11.24
N TYR C 132 -15.24 30.35 -11.73
CA TYR C 132 -15.46 30.53 -13.16
C TYR C 132 -15.50 32.03 -13.47
N ARG C 133 -15.06 32.38 -14.68
CA ARG C 133 -15.03 33.78 -15.10
C ARG C 133 -16.38 34.18 -15.67
N LEU C 134 -16.89 35.34 -15.21
CA LEU C 134 -18.20 35.83 -15.63
C LEU C 134 -18.14 37.09 -16.47
N PHE C 135 -17.09 37.90 -16.33
CA PHE C 135 -16.97 39.16 -17.06
C PHE C 135 -15.70 39.13 -17.90
N ARG C 136 -15.82 39.43 -19.18
CA ARG C 136 -14.68 39.53 -20.07
C ARG C 136 -14.95 40.57 -21.13
N LYS C 137 -13.87 41.13 -21.70
CA LYS C 137 -14.00 42.17 -22.71
C LYS C 137 -14.49 41.61 -24.04
N SER C 138 -14.08 40.40 -24.40
CA SER C 138 -14.50 39.81 -25.66
C SER C 138 -14.38 38.29 -25.55
N ASN C 139 -15.07 37.60 -26.46
CA ASN C 139 -14.99 36.14 -26.49
C ASN C 139 -13.58 35.69 -26.83
N LEU C 140 -13.23 34.51 -26.36
CA LEU C 140 -11.88 34.00 -26.54
C LEU C 140 -11.83 32.93 -27.64
N LYS C 141 -10.67 32.82 -28.26
CA LYS C 141 -10.38 31.92 -29.36
C LYS C 141 -10.30 30.48 -28.88
N PRO C 142 -10.44 29.51 -29.78
CA PRO C 142 -10.41 28.10 -29.36
C PRO C 142 -9.10 27.75 -28.67
N PHE C 143 -9.21 26.97 -27.59
CA PHE C 143 -8.09 26.45 -26.82
C PHE C 143 -7.20 27.56 -26.26
N GLU C 144 -7.81 28.68 -25.86
CA GLU C 144 -7.08 29.77 -25.22
C GLU C 144 -7.45 29.82 -23.74
N ARG C 145 -6.43 29.99 -22.90
CA ARG C 145 -6.59 29.99 -21.45
C ARG C 145 -6.24 31.38 -20.92
N ASP C 146 -7.11 31.92 -20.07
CA ASP C 146 -6.92 33.24 -19.48
C ASP C 146 -6.85 33.09 -17.97
N ILE C 147 -5.65 32.79 -17.46
CA ILE C 147 -5.42 32.75 -16.01
C ILE C 147 -4.94 34.15 -15.61
N SER C 148 -5.90 35.05 -15.41
CA SER C 148 -5.59 36.42 -15.04
C SER C 148 -6.85 37.06 -14.47
N THR C 149 -6.69 37.82 -13.39
CA THR C 149 -7.81 38.49 -12.73
C THR C 149 -7.47 39.98 -12.61
N GLU C 150 -8.34 40.80 -13.19
CA GLU C 150 -8.25 42.25 -13.11
C GLU C 150 -9.66 42.84 -13.18
N ILE C 151 -9.82 44.07 -12.70
CA ILE C 151 -11.15 44.65 -12.58
C ILE C 151 -11.76 44.87 -13.96
N TYR C 152 -13.09 44.74 -14.02
CA TYR C 152 -13.85 44.90 -15.25
C TYR C 152 -14.72 46.14 -15.09
N GLN C 153 -14.46 47.15 -15.93
CA GLN C 153 -15.17 48.43 -15.86
C GLN C 153 -16.27 48.44 -16.91
N ALA C 154 -17.49 48.12 -16.48
CA ALA C 154 -18.62 48.07 -17.40
C ALA C 154 -19.05 49.45 -17.85
N GLY C 155 -18.95 50.46 -16.99
CA GLY C 155 -19.40 51.79 -17.33
C GLY C 155 -18.38 52.60 -18.10
N ASN C 156 -18.18 53.85 -17.68
CA ASN C 156 -17.24 54.75 -18.34
C ASN C 156 -16.20 55.33 -17.41
N LYS C 157 -16.44 55.31 -16.10
CA LYS C 157 -15.49 55.89 -15.15
C LYS C 157 -14.46 54.85 -14.73
N PRO C 158 -13.17 55.12 -14.94
CA PRO C 158 -12.14 54.18 -14.49
C PRO C 158 -12.04 54.15 -12.98
N CYS C 159 -11.54 53.03 -12.46
CA CYS C 159 -11.39 52.83 -11.02
C CYS C 159 -9.99 52.31 -10.72
N ASN C 160 -9.55 52.57 -9.49
CA ASN C 160 -8.16 52.30 -9.10
C ASN C 160 -7.94 50.84 -8.74
N GLY C 161 -8.31 49.94 -9.64
CA GLY C 161 -8.10 48.52 -9.40
C GLY C 161 -8.86 47.96 -8.22
N VAL C 162 -9.85 48.71 -7.74
CA VAL C 162 -10.67 48.29 -6.62
C VAL C 162 -12.12 48.24 -7.08
N ALA C 163 -12.85 47.26 -6.55
CA ALA C 163 -14.22 47.00 -6.98
C ALA C 163 -15.14 48.12 -6.48
N GLY C 164 -16.42 47.99 -6.78
CA GLY C 164 -17.42 48.98 -6.48
C GLY C 164 -18.50 48.95 -7.51
N PHE C 165 -19.26 50.04 -7.60
CA PHE C 165 -20.29 50.14 -8.64
C PHE C 165 -19.61 50.28 -10.00
N ASN C 166 -20.06 49.46 -10.96
CA ASN C 166 -19.54 49.44 -12.32
C ASN C 166 -18.05 49.11 -12.37
N CYS C 167 -17.55 48.37 -11.39
CA CYS C 167 -16.17 47.87 -11.38
C CYS C 167 -16.21 46.51 -10.68
N TYR C 168 -16.24 45.45 -11.48
CA TYR C 168 -16.55 44.11 -10.98
C TYR C 168 -15.31 43.23 -10.94
N PHE C 169 -15.28 42.32 -9.97
CA PHE C 169 -14.26 41.28 -9.93
C PHE C 169 -14.63 40.21 -10.95
N PRO C 170 -13.72 39.86 -11.87
CA PRO C 170 -14.12 38.98 -12.98
C PRO C 170 -14.59 37.59 -12.55
N LEU C 171 -13.99 37.03 -11.50
CA LEU C 171 -14.23 35.63 -11.15
C LEU C 171 -15.35 35.51 -10.13
N ARG C 172 -16.02 34.36 -10.16
CA ARG C 172 -17.08 34.02 -9.20
C ARG C 172 -16.91 32.57 -8.78
N SER C 173 -17.59 32.21 -7.69
CA SER C 173 -17.51 30.87 -7.13
C SER C 173 -18.79 30.09 -7.44
N TYR C 174 -18.68 28.76 -7.37
CA TYR C 174 -19.79 27.87 -7.66
C TYR C 174 -20.64 27.56 -6.44
N SER C 175 -20.01 27.36 -5.27
CA SER C 175 -20.70 27.10 -4.01
C SER C 175 -21.59 25.85 -4.12
N PHE C 176 -20.93 24.71 -4.33
CA PHE C 176 -21.63 23.44 -4.44
C PHE C 176 -22.04 22.93 -3.06
N ARG C 177 -23.22 22.33 -3.01
CA ARG C 177 -23.73 21.69 -1.80
C ARG C 177 -24.42 20.40 -2.20
N PRO C 178 -24.50 19.43 -1.29
CA PRO C 178 -25.19 18.16 -1.62
C PRO C 178 -26.70 18.28 -1.68
N THR C 179 -27.29 19.36 -1.20
CA THR C 179 -28.73 19.52 -1.11
C THR C 179 -29.30 20.32 -2.28
N TYR C 180 -28.70 20.19 -3.46
CA TYR C 180 -29.18 20.82 -4.67
C TYR C 180 -29.84 19.77 -5.57
N GLY C 181 -30.25 20.21 -6.76
CA GLY C 181 -30.78 19.30 -7.76
C GLY C 181 -29.68 18.62 -8.54
N VAL C 182 -30.06 18.07 -9.70
CA VAL C 182 -29.10 17.38 -10.57
C VAL C 182 -28.39 18.35 -11.51
N GLY C 183 -28.98 19.51 -11.79
CA GLY C 183 -28.35 20.46 -12.69
C GLY C 183 -27.48 21.48 -11.97
N HIS C 184 -27.55 21.49 -10.64
CA HIS C 184 -26.74 22.38 -9.81
C HIS C 184 -25.67 21.62 -9.04
N GLN C 185 -25.25 20.45 -9.55
CA GLN C 185 -24.30 19.61 -8.87
C GLN C 185 -23.01 19.53 -9.67
N PRO C 186 -21.85 19.37 -9.01
CA PRO C 186 -20.58 19.38 -9.74
C PRO C 186 -20.49 18.22 -10.72
N TYR C 187 -19.83 18.49 -11.85
CA TYR C 187 -19.58 17.49 -12.87
C TYR C 187 -18.12 17.58 -13.29
N ARG C 188 -17.44 16.43 -13.31
CA ARG C 188 -16.06 16.36 -13.74
C ARG C 188 -16.02 16.07 -15.23
N VAL C 189 -15.27 16.89 -15.97
CA VAL C 189 -15.25 16.82 -17.43
C VAL C 189 -13.81 16.62 -17.90
N VAL C 190 -13.62 15.65 -18.79
CA VAL C 190 -12.36 15.40 -19.48
C VAL C 190 -12.63 15.48 -20.98
N VAL C 191 -11.86 16.30 -21.68
CA VAL C 191 -11.97 16.47 -23.12
C VAL C 191 -10.70 15.92 -23.75
N LEU C 192 -10.84 14.94 -24.62
CA LEU C 192 -9.73 14.32 -25.33
C LEU C 192 -9.67 14.88 -26.75
N SER C 193 -8.50 15.40 -27.13
CA SER C 193 -8.26 15.96 -28.45
C SER C 193 -7.16 15.17 -29.13
N PHE C 194 -7.43 14.70 -30.35
CA PHE C 194 -6.50 13.86 -31.09
C PHE C 194 -5.80 14.73 -32.13
N GLU C 195 -4.52 15.00 -31.90
CA GLU C 195 -3.72 15.81 -32.82
C GLU C 195 -3.06 14.88 -33.83
N LEU C 196 -3.44 15.02 -35.10
CA LEU C 196 -2.96 14.15 -36.18
C LEU C 196 -2.24 15.04 -37.20
N LEU C 197 -0.92 14.85 -37.29
CA LEU C 197 -0.07 15.62 -38.19
C LEU C 197 0.74 14.68 -39.08
N HIS C 198 1.62 15.29 -39.88
CA HIS C 198 2.55 14.57 -40.75
C HIS C 198 3.76 14.21 -39.90
N ALA C 199 3.61 13.15 -39.11
CA ALA C 199 4.54 12.83 -38.05
C ALA C 199 4.58 11.32 -37.87
N PRO C 200 5.53 10.81 -37.06
CA PRO C 200 5.65 9.35 -36.92
C PRO C 200 4.57 8.67 -36.09
N ALA C 201 3.49 9.37 -35.75
CA ALA C 201 2.28 8.75 -35.19
C ALA C 201 2.60 8.00 -33.88
N THR C 202 2.94 8.78 -32.86
CA THR C 202 3.40 8.23 -31.60
C THR C 202 2.35 7.34 -30.93
N VAL C 203 1.12 7.84 -30.78
CA VAL C 203 0.08 7.13 -30.03
C VAL C 203 -0.59 6.15 -30.98
N CYS C 204 -0.14 4.89 -30.95
CA CYS C 204 -0.60 3.92 -31.93
C CYS C 204 -1.93 3.27 -31.54
N GLY C 205 -1.94 2.53 -30.43
CA GLY C 205 -3.08 1.71 -30.10
C GLY C 205 -2.74 0.23 -30.14
N PRO C 206 -3.61 -0.61 -29.60
CA PRO C 206 -3.30 -2.04 -29.45
C PRO C 206 -3.39 -2.77 -30.78
N LYS C 207 -2.24 -3.18 -31.30
CA LYS C 207 -2.16 -3.92 -32.55
C LYS C 207 -0.78 -4.54 -32.73
N LYS C 208 -0.73 -5.82 -33.09
CA LYS C 208 0.54 -6.50 -33.33
C LYS C 208 0.90 -6.40 -34.81
N SER C 209 2.19 -6.15 -35.06
CA SER C 209 2.70 -5.95 -36.42
C SER C 209 3.18 -7.27 -37.01
N THR C 210 3.18 -7.33 -38.34
CA THR C 210 3.64 -8.48 -39.09
C THR C 210 4.92 -8.14 -39.84
N ASN C 211 5.53 -9.16 -40.43
CA ASN C 211 6.74 -8.96 -41.21
C ASN C 211 6.42 -8.32 -42.55
N LEU C 212 7.42 -7.66 -43.14
CA LEU C 212 7.23 -6.93 -44.37
C LEU C 212 7.38 -7.87 -45.56
N VAL C 213 6.42 -7.80 -46.49
CA VAL C 213 6.41 -8.62 -47.69
C VAL C 213 6.42 -7.69 -48.90
N LYS C 214 7.34 -7.93 -49.83
CA LYS C 214 7.53 -7.09 -51.00
C LYS C 214 7.36 -7.90 -52.28
N ASN C 215 7.15 -7.18 -53.38
CA ASN C 215 7.11 -7.73 -54.73
C ASN C 215 5.93 -8.69 -54.92
N LYS C 216 4.92 -8.50 -54.07
CA LYS C 216 3.69 -9.29 -54.15
C LYS C 216 2.48 -8.40 -53.84
N CYS C 217 1.32 -8.75 -54.37
CA CYS C 217 0.11 -8.03 -54.03
C CYS C 217 -0.41 -8.53 -52.68
N VAL C 218 -0.55 -7.61 -51.73
CA VAL C 218 -0.97 -7.93 -50.37
C VAL C 218 -1.86 -6.81 -49.86
N ASN C 219 -2.52 -7.08 -48.74
CA ASN C 219 -3.23 -6.05 -47.98
C ASN C 219 -2.28 -5.48 -46.94
N PHE C 220 -2.05 -4.17 -46.99
CA PHE C 220 -1.08 -3.52 -46.14
C PHE C 220 -1.76 -2.49 -45.25
N ASN C 221 -1.12 -2.23 -44.11
CA ASN C 221 -1.65 -1.28 -43.13
C ASN C 221 -0.45 -0.62 -42.44
N PHE C 222 -0.19 0.64 -42.76
CA PHE C 222 0.91 1.40 -42.17
C PHE C 222 0.32 2.54 -41.35
N ASN C 223 0.38 2.41 -40.02
CA ASN C 223 -0.09 3.44 -39.09
C ASN C 223 -1.55 3.80 -39.33
N GLY C 224 -2.36 2.82 -39.72
CA GLY C 224 -3.75 3.04 -40.01
C GLY C 224 -4.07 3.28 -41.48
N LEU C 225 -3.08 3.66 -42.28
CA LEU C 225 -3.24 3.78 -43.72
C LEU C 225 -3.29 2.39 -44.32
N LYS C 226 -4.49 1.93 -44.68
CA LYS C 226 -4.69 0.56 -45.14
C LYS C 226 -5.09 0.55 -46.60
N GLY C 227 -4.63 -0.46 -47.32
CA GLY C 227 -4.93 -0.59 -48.72
C GLY C 227 -4.50 -1.94 -49.27
N THR C 228 -4.62 -2.07 -50.59
CA THR C 228 -4.22 -3.30 -51.27
C THR C 228 -3.31 -2.94 -52.43
N GLY C 229 -2.20 -3.66 -52.55
CA GLY C 229 -1.27 -3.39 -53.63
C GLY C 229 0.04 -4.11 -53.42
N VAL C 230 1.01 -3.75 -54.25
CA VAL C 230 2.35 -4.32 -54.22
C VAL C 230 3.32 -3.25 -53.75
N LEU C 231 4.27 -3.65 -52.90
CA LEU C 231 5.20 -2.74 -52.26
C LEU C 231 6.58 -2.94 -52.89
N THR C 232 7.14 -1.87 -53.42
CA THR C 232 8.42 -1.89 -54.11
C THR C 232 9.44 -1.06 -53.33
N GLU C 233 10.69 -1.52 -53.35
CA GLU C 233 11.78 -0.83 -52.65
C GLU C 233 12.09 0.45 -53.43
N SER C 234 11.50 1.55 -52.98
CA SER C 234 11.62 2.82 -53.68
C SER C 234 13.04 3.38 -53.55
N ASN C 235 13.35 4.32 -54.44
CA ASN C 235 14.59 5.08 -54.39
C ASN C 235 14.29 6.57 -54.48
N LYS C 236 13.29 7.01 -53.72
CA LYS C 236 12.97 8.43 -53.67
C LYS C 236 13.75 9.13 -52.57
N LYS C 237 13.67 10.46 -52.56
CA LYS C 237 14.35 11.28 -51.57
C LYS C 237 13.32 11.84 -50.61
N PHE C 238 13.33 11.34 -49.38
CA PHE C 238 12.51 11.89 -48.30
C PHE C 238 13.40 12.64 -47.32
N LEU C 239 12.98 13.84 -46.96
CA LEU C 239 13.64 14.55 -45.87
C LEU C 239 13.39 13.81 -44.56
N PRO C 240 14.27 13.97 -43.57
CA PRO C 240 14.12 13.21 -42.31
C PRO C 240 12.79 13.45 -41.60
N PHE C 241 12.11 14.57 -41.86
CA PHE C 241 10.82 14.84 -41.25
C PHE C 241 9.65 14.34 -42.09
N GLN C 242 9.88 13.88 -43.31
CA GLN C 242 8.81 13.47 -44.20
C GLN C 242 8.48 11.99 -44.01
N GLN C 243 7.19 11.69 -43.99
CA GLN C 243 6.70 10.34 -43.70
C GLN C 243 6.07 9.63 -44.89
N PHE C 244 5.45 10.36 -45.81
CA PHE C 244 4.84 9.75 -46.97
C PHE C 244 4.79 10.75 -48.11
N GLY C 245 4.62 10.23 -49.32
CA GLY C 245 4.57 11.04 -50.52
C GLY C 245 3.24 10.91 -51.22
N ARG C 246 2.73 12.02 -51.75
CA ARG C 246 1.47 12.05 -52.46
C ARG C 246 1.70 12.28 -53.95
N ASP C 247 0.86 11.65 -54.76
CA ASP C 247 0.95 11.77 -56.20
C ASP C 247 0.07 12.92 -56.69
N ILE C 248 0.06 13.13 -58.00
CA ILE C 248 -0.77 14.17 -58.60
C ILE C 248 -2.25 13.90 -58.35
N ALA C 249 -2.63 12.64 -58.13
CA ALA C 249 -4.01 12.24 -57.93
C ALA C 249 -4.40 12.23 -56.46
N ASP C 250 -3.83 13.13 -55.67
CA ASP C 250 -4.16 13.39 -54.26
C ASP C 250 -4.36 12.12 -53.45
N THR C 251 -3.54 11.11 -53.70
CA THR C 251 -3.57 9.86 -52.95
C THR C 251 -2.14 9.35 -52.80
N THR C 252 -1.86 8.77 -51.64
CA THR C 252 -0.50 8.39 -51.28
C THR C 252 0.08 7.39 -52.27
N ASP C 253 1.35 7.59 -52.64
CA ASP C 253 2.06 6.67 -53.52
C ASP C 253 3.36 6.15 -52.93
N ALA C 254 3.90 6.80 -51.91
CA ALA C 254 5.09 6.33 -51.23
C ALA C 254 4.88 6.49 -49.74
N VAL C 255 5.56 5.66 -48.96
CA VAL C 255 5.37 5.63 -47.51
C VAL C 255 6.64 5.14 -46.84
N ARG C 256 6.86 5.57 -45.61
CA ARG C 256 7.98 5.13 -44.79
C ARG C 256 7.52 4.06 -43.81
N ASP C 257 8.34 3.02 -43.65
CA ASP C 257 8.03 1.93 -42.75
C ASP C 257 8.32 2.35 -41.31
N PRO C 258 7.35 2.24 -40.39
CA PRO C 258 7.55 2.79 -39.04
C PRO C 258 8.55 2.04 -38.18
N GLN C 259 8.96 0.83 -38.55
CA GLN C 259 9.94 0.07 -37.76
C GLN C 259 11.35 0.21 -38.30
N THR C 260 11.58 -0.15 -39.56
CA THR C 260 12.84 0.16 -40.24
C THR C 260 12.58 1.36 -41.16
N LEU C 261 13.45 2.36 -41.07
CA LEU C 261 13.14 3.69 -41.58
C LEU C 261 13.50 3.81 -43.06
N GLU C 262 12.86 2.97 -43.87
CA GLU C 262 13.09 2.96 -45.31
C GLU C 262 11.83 3.39 -46.05
N ILE C 263 12.00 3.66 -47.35
CA ILE C 263 10.93 4.19 -48.20
C ILE C 263 10.43 3.09 -49.11
N LEU C 264 9.13 3.11 -49.39
CA LEU C 264 8.50 2.11 -50.24
C LEU C 264 7.48 2.76 -51.16
N ASP C 265 7.47 2.33 -52.42
CA ASP C 265 6.43 2.70 -53.37
C ASP C 265 5.27 1.72 -53.30
N ILE C 266 4.05 2.24 -53.40
CA ILE C 266 2.84 1.42 -53.44
C ILE C 266 2.30 1.45 -54.86
N THR C 267 2.03 0.27 -55.43
CA THR C 267 1.60 0.18 -56.81
C THR C 267 0.38 -0.73 -56.91
N PRO C 268 -0.59 -0.40 -57.75
CA PRO C 268 -1.71 -1.32 -57.97
C PRO C 268 -1.23 -2.65 -58.53
N CYS C 269 -1.91 -3.72 -58.11
CA CYS C 269 -1.56 -5.06 -58.56
C CYS C 269 -2.60 -5.58 -59.54
#